data_7O6P
#
_entry.id   7O6P
#
loop_
_entity.id
_entity.type
_entity.pdbx_description
1 polymer 'borneol dehydrogenase'
2 water water
#
_entity_poly.entity_id   1
_entity_poly.type   'polypeptide(L)'
_entity_poly.pdbx_seq_one_letter_code
;MGSSHHHHHHSSGLVPRGSHMATGAANVESPQSLPLRLLGRVALVTGGSSGIGESIVLLFRKHGAKVCIADVQDNQGQRL
CETLGGSSDIAFCHCDVTIEDDVKRAVDFTVDKFGTLDIMVNNAGVSGPPCPDIRDFELSAFDRVFDINVRGVFIGMKHA
ARIMIPAKKGSIISISSVASTMGGLGPHAYTGSKHAVLGLTKNVAAELGKHGIRVNCVSPYAVATSLALAHLPEAERTED
TWDDFRRFVADNANLQGVELTMEDVANAVVFLASDEARYVSGMNLMVDGGFTSTNHALQVFRP
;
_entity_poly.pdbx_strand_id   A,B,C,D
#
# COMPACT_ATOMS: atom_id res chain seq x y z
N LEU A 34 -30.70 -2.90 24.24
CA LEU A 34 -29.32 -3.17 23.85
C LEU A 34 -28.33 -2.60 24.86
N PRO A 35 -27.40 -3.43 25.31
CA PRO A 35 -26.44 -2.99 26.32
C PRO A 35 -25.44 -2.00 25.74
N LEU A 36 -24.73 -1.34 26.63
CA LEU A 36 -23.70 -0.41 26.21
C LEU A 36 -22.52 -1.18 25.59
N ARG A 37 -21.91 -0.58 24.57
CA ARG A 37 -20.99 -1.32 23.72
C ARG A 37 -19.69 -1.70 24.43
N LEU A 38 -19.35 -1.04 25.53
CA LEU A 38 -18.10 -1.31 26.22
C LEU A 38 -18.33 -1.60 27.69
N LEU A 39 -19.48 -2.17 28.03
CA LEU A 39 -19.84 -2.31 29.44
C LEU A 39 -18.87 -3.25 30.15
N GLY A 40 -18.32 -2.78 31.26
CA GLY A 40 -17.43 -3.58 32.08
C GLY A 40 -15.99 -3.61 31.64
N ARG A 41 -15.68 -3.07 30.47
N ARG A 41 -15.68 -3.07 30.47
CA ARG A 41 -14.32 -3.07 29.95
CA ARG A 41 -14.32 -3.07 29.95
C ARG A 41 -13.48 -1.99 30.60
C ARG A 41 -13.48 -1.99 30.60
N VAL A 42 -12.22 -2.28 30.87
CA VAL A 42 -11.30 -1.32 31.47
C VAL A 42 -10.37 -0.81 30.40
N ALA A 43 -10.18 0.52 30.36
CA ALA A 43 -9.39 1.17 29.33
C ALA A 43 -8.38 2.13 29.95
N LEU A 44 -7.19 2.16 29.38
CA LEU A 44 -6.15 3.12 29.73
C LEU A 44 -5.92 4.01 28.52
N VAL A 45 -5.91 5.33 28.73
CA VAL A 45 -5.78 6.29 27.65
C VAL A 45 -4.62 7.22 27.97
N THR A 46 -3.58 7.18 27.16
CA THR A 46 -2.44 8.05 27.37
C THR A 46 -2.63 9.34 26.58
N GLY A 47 -2.49 10.46 27.25
CA GLY A 47 -2.80 11.74 26.64
C GLY A 47 -4.26 12.09 26.65
N GLY A 48 -5.03 11.52 27.59
CA GLY A 48 -6.46 11.72 27.64
C GLY A 48 -6.91 13.05 28.22
N SER A 49 -6.00 13.88 28.68
CA SER A 49 -6.41 15.12 29.34
C SER A 49 -6.99 16.12 28.35
N SER A 50 -6.55 16.09 27.11
CA SER A 50 -6.94 17.12 26.16
C SER A 50 -6.89 16.59 24.74
N GLY A 51 -7.56 17.31 23.85
CA GLY A 51 -7.50 16.97 22.44
C GLY A 51 -8.32 15.75 22.13
N ILE A 52 -7.77 14.89 21.27
CA ILE A 52 -8.48 13.69 20.87
C ILE A 52 -8.65 12.75 22.06
N GLY A 53 -7.65 12.69 22.93
CA GLY A 53 -7.74 11.80 24.07
C GLY A 53 -8.88 12.13 24.99
N GLU A 54 -9.16 13.42 25.17
CA GLU A 54 -10.30 13.82 25.99
C GLU A 54 -11.60 13.31 25.41
N SER A 55 -11.73 13.36 24.09
N SER A 55 -11.73 13.38 24.08
CA SER A 55 -12.95 12.87 23.47
CA SER A 55 -12.92 12.86 23.42
C SER A 55 -13.05 11.35 23.56
C SER A 55 -13.03 11.36 23.58
N ILE A 56 -11.92 10.64 23.40
CA ILE A 56 -11.94 9.19 23.55
C ILE A 56 -12.41 8.82 24.96
N VAL A 57 -11.91 9.53 25.97
CA VAL A 57 -12.29 9.24 27.33
C VAL A 57 -13.78 9.49 27.54
N LEU A 58 -14.27 10.62 27.05
CA LEU A 58 -15.67 10.96 27.24
C LEU A 58 -16.56 9.95 26.53
N LEU A 59 -16.18 9.54 25.32
CA LEU A 59 -16.97 8.59 24.57
C LEU A 59 -16.94 7.20 25.22
N PHE A 60 -15.75 6.72 25.56
CA PHE A 60 -15.62 5.45 26.27
C PHE A 60 -16.54 5.38 27.46
N ARG A 61 -16.60 6.48 28.22
N ARG A 61 -16.60 6.47 28.24
CA ARG A 61 -17.41 6.54 29.42
CA ARG A 61 -17.45 6.47 29.42
C ARG A 61 -18.91 6.49 29.09
C ARG A 61 -18.93 6.42 29.06
N LYS A 62 -19.31 7.11 27.98
CA LYS A 62 -20.70 7.06 27.55
C LYS A 62 -21.14 5.65 27.19
N HIS A 63 -20.22 4.80 26.77
CA HIS A 63 -20.54 3.45 26.36
C HIS A 63 -20.26 2.42 27.45
N GLY A 64 -20.16 2.86 28.69
CA GLY A 64 -20.10 1.99 29.84
C GLY A 64 -18.73 1.58 30.30
N ALA A 65 -17.68 2.15 29.73
CA ALA A 65 -16.34 1.72 30.07
C ALA A 65 -15.82 2.41 31.32
N LYS A 66 -14.88 1.76 31.97
N LYS A 66 -14.88 1.76 31.97
CA LYS A 66 -14.08 2.38 33.02
CA LYS A 66 -14.08 2.38 33.02
C LYS A 66 -12.75 2.82 32.40
C LYS A 66 -12.75 2.82 32.41
N VAL A 67 -12.34 4.05 32.71
CA VAL A 67 -11.22 4.68 32.02
C VAL A 67 -10.22 5.21 33.03
N CYS A 68 -8.95 4.98 32.75
CA CYS A 68 -7.86 5.61 33.47
C CYS A 68 -7.08 6.50 32.50
N ILE A 69 -6.90 7.74 32.89
CA ILE A 69 -6.16 8.70 32.10
C ILE A 69 -4.71 8.71 32.59
N ALA A 70 -3.77 8.57 31.68
CA ALA A 70 -2.35 8.72 31.97
C ALA A 70 -1.84 9.91 31.18
N ASP A 71 -1.54 11.00 31.86
CA ASP A 71 -1.09 12.20 31.18
C ASP A 71 -0.14 12.98 32.08
N VAL A 72 0.74 13.74 31.44
CA VAL A 72 1.70 14.56 32.15
C VAL A 72 1.00 15.76 32.75
N GLN A 73 1.74 16.53 33.56
CA GLN A 73 1.20 17.71 34.22
C GLN A 73 0.05 17.31 35.14
N ASP A 74 0.38 16.62 36.24
CA ASP A 74 -0.62 16.14 37.18
C ASP A 74 -1.52 17.27 37.66
N ASN A 75 -1.02 18.50 37.69
CA ASN A 75 -1.85 19.66 38.00
C ASN A 75 -3.04 19.73 37.03
N GLN A 76 -2.76 19.86 35.73
CA GLN A 76 -3.84 19.85 34.75
C GLN A 76 -4.49 18.47 34.64
N GLY A 77 -3.72 17.41 34.89
CA GLY A 77 -4.26 16.07 34.75
C GLY A 77 -5.45 15.81 35.66
N GLN A 78 -5.38 16.29 36.89
CA GLN A 78 -6.54 16.24 37.76
C GLN A 78 -7.52 17.37 37.47
N ARG A 79 -7.02 18.50 36.94
CA ARG A 79 -7.90 19.61 36.58
C ARG A 79 -8.97 19.18 35.58
N LEU A 80 -8.60 18.34 34.61
CA LEU A 80 -9.63 17.71 33.80
C LEU A 80 -10.50 16.79 34.63
N CYS A 81 -9.88 16.02 35.53
CA CYS A 81 -10.66 15.09 36.34
C CYS A 81 -11.61 15.81 37.28
N GLU A 82 -11.38 17.09 37.54
CA GLU A 82 -12.40 17.95 38.12
C GLU A 82 -13.32 18.55 37.07
N THR A 83 -12.80 18.77 35.86
CA THR A 83 -13.62 19.33 34.77
C THR A 83 -14.74 18.38 34.39
N LEU A 84 -14.40 17.12 34.09
CA LEU A 84 -15.42 16.15 33.70
C LEU A 84 -16.42 15.93 34.83
N GLY A 85 -15.95 15.85 36.07
CA GLY A 85 -16.78 15.65 37.23
C GLY A 85 -16.22 14.57 38.14
N GLY A 86 -17.02 14.18 39.12
CA GLY A 86 -16.64 13.13 40.05
C GLY A 86 -17.31 11.82 39.67
N SER A 87 -16.49 10.76 39.61
CA SER A 87 -17.00 9.44 39.26
C SER A 87 -16.06 8.38 39.83
N SER A 88 -16.64 7.26 40.23
CA SER A 88 -15.89 6.10 40.67
C SER A 88 -15.51 5.18 39.53
N ASP A 89 -15.67 5.61 38.28
CA ASP A 89 -15.28 4.84 37.11
C ASP A 89 -14.30 5.60 36.22
N ILE A 90 -13.60 6.58 36.78
CA ILE A 90 -12.56 7.31 36.07
C ILE A 90 -11.46 7.63 37.07
N ALA A 91 -10.21 7.60 36.61
CA ALA A 91 -9.07 7.80 37.50
C ALA A 91 -7.90 8.36 36.70
N PHE A 92 -7.01 9.04 37.40
CA PHE A 92 -5.88 9.72 36.79
C PHE A 92 -4.58 9.21 37.39
N CYS A 93 -3.62 8.90 36.53
CA CYS A 93 -2.28 8.56 36.95
C CYS A 93 -1.30 9.42 36.18
N HIS A 94 -0.35 10.04 36.89
CA HIS A 94 0.64 10.87 36.25
C HIS A 94 1.68 9.99 35.56
N CYS A 95 1.95 10.26 34.28
CA CYS A 95 2.76 9.36 33.48
C CYS A 95 3.41 10.11 32.33
N ASP A 96 4.74 10.14 32.30
CA ASP A 96 5.48 10.55 31.12
C ASP A 96 5.71 9.31 30.26
N VAL A 97 5.07 9.28 29.09
CA VAL A 97 5.14 8.10 28.23
C VAL A 97 6.52 7.86 27.66
N THR A 98 7.45 8.79 27.83
CA THR A 98 8.83 8.54 27.43
C THR A 98 9.62 7.79 28.49
N ILE A 99 9.04 7.56 29.66
CA ILE A 99 9.68 6.83 30.74
C ILE A 99 8.96 5.50 30.90
N GLU A 100 9.70 4.40 30.74
CA GLU A 100 9.08 3.08 30.81
C GLU A 100 8.48 2.84 32.19
N ASP A 101 9.17 3.27 33.25
CA ASP A 101 8.67 2.99 34.59
C ASP A 101 7.40 3.77 34.88
N ASP A 102 7.21 4.92 34.24
CA ASP A 102 5.96 5.65 34.38
C ASP A 102 4.80 4.88 33.77
N VAL A 103 4.95 4.44 32.52
CA VAL A 103 3.88 3.70 31.86
C VAL A 103 3.62 2.41 32.62
N LYS A 104 4.68 1.76 33.11
CA LYS A 104 4.52 0.57 33.93
C LYS A 104 3.63 0.86 35.13
N ARG A 105 3.86 1.98 35.81
N ARG A 105 3.86 1.99 35.79
CA ARG A 105 3.05 2.30 36.97
CA ARG A 105 3.08 2.34 36.96
C ARG A 105 1.62 2.66 36.59
C ARG A 105 1.63 2.67 36.59
N ALA A 106 1.41 3.22 35.40
CA ALA A 106 0.06 3.47 34.94
C ALA A 106 -0.72 2.16 34.81
N VAL A 107 -0.15 1.19 34.10
CA VAL A 107 -0.84 -0.08 33.92
C VAL A 107 -1.05 -0.78 35.26
N ASP A 108 -0.04 -0.77 36.11
CA ASP A 108 -0.19 -1.40 37.41
C ASP A 108 -1.23 -0.68 38.25
N PHE A 109 -1.37 0.63 38.06
CA PHE A 109 -2.38 1.40 38.77
C PHE A 109 -3.77 1.06 38.30
N THR A 110 -3.97 0.98 36.98
CA THR A 110 -5.27 0.69 36.40
C THR A 110 -5.78 -0.68 36.86
N VAL A 111 -4.92 -1.68 36.79
CA VAL A 111 -5.32 -3.03 37.17
C VAL A 111 -5.69 -3.09 38.64
N ASP A 112 -5.06 -2.26 39.47
CA ASP A 112 -5.41 -2.22 40.88
C ASP A 112 -6.70 -1.45 41.13
N LYS A 113 -7.07 -0.50 40.27
CA LYS A 113 -8.32 0.20 40.44
C LYS A 113 -9.50 -0.64 39.96
N PHE A 114 -9.44 -1.12 38.72
CA PHE A 114 -10.60 -1.69 38.06
C PHE A 114 -10.48 -3.19 37.80
N GLY A 115 -9.37 -3.81 38.15
CA GLY A 115 -9.25 -5.26 38.17
C GLY A 115 -8.63 -5.89 36.95
N THR A 116 -8.52 -5.17 35.85
CA THR A 116 -7.91 -5.71 34.64
C THR A 116 -7.59 -4.56 33.69
N LEU A 117 -7.12 -4.91 32.51
CA LEU A 117 -6.86 -3.94 31.45
C LEU A 117 -7.28 -4.59 30.13
N ASP A 118 -8.35 -4.07 29.53
CA ASP A 118 -8.89 -4.60 28.28
C ASP A 118 -8.60 -3.72 27.07
N ILE A 119 -8.47 -2.41 27.24
CA ILE A 119 -8.24 -1.50 26.14
C ILE A 119 -7.07 -0.60 26.49
N MET A 120 -6.15 -0.45 25.54
CA MET A 120 -5.01 0.44 25.70
C MET A 120 -4.99 1.40 24.53
N VAL A 121 -5.06 2.68 24.80
CA VAL A 121 -5.07 3.70 23.76
C VAL A 121 -3.80 4.54 23.89
N ASN A 122 -2.98 4.55 22.85
CA ASN A 122 -1.75 5.34 22.82
C ASN A 122 -2.04 6.61 22.03
N ASN A 123 -2.47 7.65 22.73
CA ASN A 123 -2.79 8.90 22.08
C ASN A 123 -1.70 9.94 22.19
N ALA A 124 -0.76 9.78 23.11
CA ALA A 124 0.33 10.74 23.25
C ALA A 124 1.08 10.88 21.93
N GLY A 125 1.13 12.09 21.40
CA GLY A 125 1.75 12.31 20.13
C GLY A 125 1.96 13.78 19.86
N VAL A 126 3.11 14.13 19.29
CA VAL A 126 3.45 15.50 18.96
C VAL A 126 3.92 15.53 17.51
N SER A 127 4.12 16.74 17.00
CA SER A 127 4.47 16.90 15.60
C SER A 127 5.80 17.59 15.36
N GLY A 128 6.20 18.53 16.19
CA GLY A 128 7.41 19.28 15.96
C GLY A 128 7.12 20.53 15.16
N PRO A 129 8.05 21.48 15.18
CA PRO A 129 7.83 22.71 14.41
C PRO A 129 7.89 22.43 12.93
N PRO A 130 7.20 23.22 12.11
CA PRO A 130 7.36 23.09 10.67
C PRO A 130 8.80 23.42 10.27
N CYS A 131 9.32 22.66 9.33
CA CYS A 131 10.66 22.93 8.82
C CYS A 131 10.63 22.80 7.31
N PRO A 132 10.69 23.91 6.58
CA PRO A 132 10.55 23.81 5.12
C PRO A 132 11.81 23.33 4.42
N ASP A 133 12.99 23.46 5.02
CA ASP A 133 14.24 23.05 4.39
C ASP A 133 14.93 22.05 5.31
N ILE A 134 15.20 20.85 4.77
CA ILE A 134 15.83 19.79 5.54
C ILE A 134 17.21 20.24 6.04
N ARG A 135 17.84 21.17 5.35
CA ARG A 135 19.16 21.61 5.77
C ARG A 135 19.14 22.37 7.08
N ASP A 136 17.96 22.76 7.56
CA ASP A 136 17.83 23.43 8.84
C ASP A 136 17.17 22.57 9.89
N PHE A 137 16.95 21.29 9.61
CA PHE A 137 16.29 20.40 10.55
C PHE A 137 17.27 19.94 11.63
N GLU A 138 17.02 20.35 12.86
CA GLU A 138 17.87 19.98 13.98
C GLU A 138 17.60 18.56 14.45
N LEU A 139 18.67 17.84 14.77
CA LEU A 139 18.53 16.44 15.17
C LEU A 139 17.94 16.31 16.58
N SER A 140 18.14 17.32 17.43
CA SER A 140 17.48 17.32 18.72
C SER A 140 15.96 17.36 18.56
N ALA A 141 15.47 18.20 17.66
CA ALA A 141 14.04 18.20 17.36
C ALA A 141 13.61 16.84 16.83
N PHE A 142 14.43 16.26 15.95
CA PHE A 142 14.16 14.94 15.41
C PHE A 142 14.08 13.90 16.51
N ASP A 143 15.06 13.91 17.42
CA ASP A 143 15.10 12.91 18.48
C ASP A 143 13.86 12.98 19.36
N ARG A 144 13.39 14.19 19.66
CA ARG A 144 12.27 14.34 20.58
C ARG A 144 10.99 13.75 20.01
N VAL A 145 10.77 13.90 18.70
CA VAL A 145 9.53 13.43 18.11
C VAL A 145 9.47 11.91 18.09
N PHE A 146 10.60 11.26 17.80
CA PHE A 146 10.62 9.80 17.80
C PHE A 146 10.55 9.24 19.21
N ASP A 147 11.07 9.97 20.20
CA ASP A 147 10.97 9.53 21.59
C ASP A 147 9.52 9.45 22.03
N ILE A 148 8.72 10.43 21.66
CA ILE A 148 7.33 10.47 22.11
C ILE A 148 6.43 9.66 21.21
N ASN A 149 6.61 9.75 19.89
CA ASN A 149 5.66 9.15 18.97
C ASN A 149 5.89 7.65 18.80
N VAL A 150 7.13 7.19 18.85
CA VAL A 150 7.43 5.80 18.56
C VAL A 150 7.76 5.07 19.85
N ARG A 151 8.75 5.58 20.59
CA ARG A 151 9.16 4.93 21.82
C ARG A 151 8.02 4.91 22.83
N GLY A 152 7.26 6.00 22.93
CA GLY A 152 6.12 6.01 23.82
C GLY A 152 5.06 5.00 23.44
N VAL A 153 4.84 4.81 22.14
CA VAL A 153 3.83 3.86 21.70
C VAL A 153 4.29 2.43 21.95
N PHE A 154 5.57 2.14 21.71
CA PHE A 154 6.06 0.78 21.94
C PHE A 154 6.00 0.40 23.41
N ILE A 155 6.38 1.32 24.30
CA ILE A 155 6.29 1.07 25.73
C ILE A 155 4.86 0.76 26.13
N GLY A 156 3.90 1.49 25.56
CA GLY A 156 2.51 1.22 25.86
C GLY A 156 2.09 -0.18 25.43
N MET A 157 2.47 -0.58 24.22
CA MET A 157 2.22 -1.94 23.78
C MET A 157 2.89 -2.94 24.72
N LYS A 158 4.14 -2.69 25.10
CA LYS A 158 4.89 -3.67 25.87
C LYS A 158 4.23 -3.95 27.21
N HIS A 159 3.74 -2.93 27.89
CA HIS A 159 3.18 -3.14 29.22
C HIS A 159 1.71 -3.49 29.20
N ALA A 160 0.96 -3.05 28.19
CA ALA A 160 -0.37 -3.61 27.98
C ALA A 160 -0.28 -5.11 27.70
N ALA A 161 0.75 -5.53 26.95
CA ALA A 161 0.94 -6.94 26.67
C ALA A 161 1.16 -7.76 27.93
N ARG A 162 1.80 -7.14 28.92
CA ARG A 162 2.10 -7.83 30.17
C ARG A 162 0.84 -8.24 30.92
N ILE A 163 -0.26 -7.54 30.68
CA ILE A 163 -1.55 -7.87 31.29
C ILE A 163 -2.40 -8.71 30.36
N MET A 164 -2.45 -8.32 29.09
CA MET A 164 -3.43 -8.90 28.17
C MET A 164 -3.09 -10.32 27.74
N ILE A 165 -1.81 -10.67 27.71
CA ILE A 165 -1.39 -11.99 27.28
C ILE A 165 -1.90 -13.07 28.22
N PRO A 166 -1.76 -12.96 29.54
CA PRO A 166 -2.35 -13.98 30.43
C PRO A 166 -3.85 -14.00 30.44
N ALA A 167 -4.52 -12.89 30.10
CA ALA A 167 -5.96 -12.89 30.00
C ALA A 167 -6.45 -13.44 28.68
N LYS A 168 -5.57 -13.50 27.68
N LYS A 168 -5.57 -13.47 27.67
CA LYS A 168 -5.88 -13.97 26.33
CA LYS A 168 -5.87 -13.96 26.33
C LYS A 168 -6.92 -13.10 25.64
C LYS A 168 -6.92 -13.10 25.64
N LYS A 169 -6.97 -11.81 25.97
CA LYS A 169 -7.90 -10.90 25.31
C LYS A 169 -7.43 -9.47 25.49
N GLY A 170 -7.74 -8.64 24.51
CA GLY A 170 -7.50 -7.23 24.64
C GLY A 170 -7.47 -6.54 23.29
N SER A 171 -7.36 -5.22 23.36
CA SER A 171 -7.42 -4.38 22.17
C SER A 171 -6.50 -3.20 22.38
N ILE A 172 -5.48 -3.08 21.52
CA ILE A 172 -4.51 -2.00 21.59
C ILE A 172 -4.73 -1.08 20.40
N ILE A 173 -4.90 0.22 20.66
CA ILE A 173 -5.21 1.19 19.62
C ILE A 173 -4.24 2.36 19.73
N SER A 174 -3.57 2.68 18.63
CA SER A 174 -2.67 3.83 18.55
C SER A 174 -3.23 4.88 17.61
N ILE A 175 -3.04 6.15 17.95
CA ILE A 175 -3.52 7.26 17.14
C ILE A 175 -2.37 7.74 16.27
N SER A 176 -2.40 7.34 15.01
CA SER A 176 -1.46 7.76 13.98
C SER A 176 -2.04 9.00 13.28
N SER A 177 -1.66 9.32 12.06
CA SER A 177 -2.34 10.33 11.26
C SER A 177 -2.16 9.94 9.80
N VAL A 178 -2.70 10.76 8.91
CA VAL A 178 -2.57 10.50 7.48
C VAL A 178 -1.12 10.46 7.06
N ALA A 179 -0.22 11.07 7.83
CA ALA A 179 1.20 10.99 7.56
C ALA A 179 1.75 9.59 7.73
N SER A 180 0.95 8.64 8.20
CA SER A 180 1.41 7.26 8.29
C SER A 180 1.45 6.57 6.93
N THR A 181 0.74 7.09 5.94
CA THR A 181 0.66 6.45 4.62
C THR A 181 1.23 7.28 3.48
N MET A 182 1.31 8.60 3.62
CA MET A 182 1.67 9.46 2.51
C MET A 182 2.72 10.47 2.95
N GLY A 183 3.67 10.75 2.08
CA GLY A 183 4.65 11.79 2.33
C GLY A 183 4.16 13.16 1.94
N GLY A 184 4.78 14.18 2.51
CA GLY A 184 4.46 15.56 2.21
C GLY A 184 3.37 16.16 3.07
N LEU A 185 2.74 15.41 3.95
CA LEU A 185 1.64 15.91 4.74
C LEU A 185 2.08 16.49 6.07
N GLY A 186 3.40 16.59 6.29
CA GLY A 186 3.92 17.08 7.55
C GLY A 186 5.43 17.02 7.57
N PRO A 187 6.01 17.42 8.69
CA PRO A 187 7.47 17.46 8.81
C PRO A 187 8.06 16.06 8.72
N HIS A 188 9.38 16.03 8.52
CA HIS A 188 10.06 14.76 8.30
C HIS A 188 9.99 13.85 9.52
N ALA A 189 10.34 14.37 10.69
CA ALA A 189 10.32 13.52 11.89
C ALA A 189 8.92 13.03 12.18
N TYR A 190 7.92 13.89 11.97
CA TYR A 190 6.54 13.49 12.17
C TYR A 190 6.14 12.38 11.21
N THR A 191 6.43 12.55 9.93
CA THR A 191 6.02 11.56 8.94
C THR A 191 6.72 10.24 9.17
N GLY A 192 8.02 10.29 9.49
CA GLY A 192 8.74 9.06 9.76
C GLY A 192 8.18 8.32 10.96
N SER A 193 7.88 9.05 12.04
CA SER A 193 7.37 8.41 13.24
C SER A 193 5.99 7.80 13.01
N LYS A 194 5.14 8.50 12.26
CA LYS A 194 3.81 7.96 11.99
C LYS A 194 3.89 6.71 11.13
N HIS A 195 4.84 6.66 10.21
CA HIS A 195 5.10 5.42 9.49
C HIS A 195 5.59 4.33 10.43
N ALA A 196 6.50 4.68 11.34
CA ALA A 196 7.03 3.69 12.28
C ALA A 196 5.92 3.10 13.13
N VAL A 197 4.93 3.91 13.50
CA VAL A 197 3.84 3.41 14.33
C VAL A 197 3.03 2.37 13.58
N LEU A 198 2.78 2.61 12.29
CA LEU A 198 2.08 1.60 11.50
C LEU A 198 2.88 0.31 11.42
N GLY A 199 4.20 0.42 11.23
CA GLY A 199 5.03 -0.77 11.21
C GLY A 199 5.03 -1.52 12.51
N LEU A 200 5.12 -0.80 13.64
CA LEU A 200 4.99 -1.46 14.93
C LEU A 200 3.64 -2.12 15.08
N THR A 201 2.58 -1.43 14.67
CA THR A 201 1.25 -1.98 14.79
C THR A 201 1.14 -3.32 14.08
N LYS A 202 1.63 -3.39 12.85
N LYS A 202 1.64 -3.40 12.86
CA LYS A 202 1.54 -4.64 12.09
CA LYS A 202 1.53 -4.64 12.09
C LYS A 202 2.41 -5.72 12.70
C LYS A 202 2.42 -5.73 12.69
N ASN A 203 3.62 -5.37 13.13
CA ASN A 203 4.52 -6.38 13.69
C ASN A 203 4.02 -6.89 15.04
N VAL A 204 3.57 -6.00 15.91
CA VAL A 204 3.06 -6.45 17.20
C VAL A 204 1.75 -7.20 17.02
N ALA A 205 0.93 -6.81 16.05
CA ALA A 205 -0.25 -7.60 15.70
C ALA A 205 0.14 -9.02 15.33
N ALA A 206 1.29 -9.19 14.66
CA ALA A 206 1.74 -10.53 14.32
C ALA A 206 2.11 -11.34 15.56
N GLU A 207 2.78 -10.73 16.52
CA GLU A 207 3.15 -11.47 17.72
C GLU A 207 1.96 -11.74 18.64
N LEU A 208 1.06 -10.78 18.80
CA LEU A 208 -0.01 -10.93 19.78
C LEU A 208 -1.26 -11.58 19.22
N GLY A 209 -1.29 -11.88 17.92
CA GLY A 209 -2.45 -12.55 17.36
C GLY A 209 -2.65 -13.93 17.95
N LYS A 210 -1.57 -14.63 18.27
CA LYS A 210 -1.68 -15.98 18.80
C LYS A 210 -2.26 -16.01 20.20
N HIS A 211 -2.41 -14.85 20.85
CA HIS A 211 -3.04 -14.78 22.16
C HIS A 211 -4.43 -14.17 22.14
N GLY A 212 -4.94 -13.77 20.97
CA GLY A 212 -6.25 -13.17 20.90
C GLY A 212 -6.28 -11.68 21.09
N ILE A 213 -5.15 -11.01 20.94
CA ILE A 213 -5.02 -9.59 21.20
C ILE A 213 -5.01 -8.85 19.88
N ARG A 214 -5.85 -7.84 19.76
CA ARG A 214 -5.96 -7.06 18.54
C ARG A 214 -5.16 -5.76 18.66
N VAL A 215 -4.38 -5.47 17.63
CA VAL A 215 -3.58 -4.26 17.56
C VAL A 215 -3.99 -3.52 16.30
N ASN A 216 -4.38 -2.25 16.46
CA ASN A 216 -4.79 -1.43 15.33
C ASN A 216 -4.36 0.00 15.57
N CYS A 217 -4.46 0.80 14.53
CA CYS A 217 -4.15 2.22 14.65
C CYS A 217 -5.15 3.02 13.85
N VAL A 218 -5.37 4.26 14.29
CA VAL A 218 -6.34 5.16 13.70
C VAL A 218 -5.60 6.38 13.18
N SER A 219 -5.81 6.68 11.90
CA SER A 219 -5.06 7.75 11.24
C SER A 219 -6.00 8.87 10.81
N PRO A 220 -6.11 9.94 11.57
CA PRO A 220 -7.02 11.04 11.21
C PRO A 220 -6.42 12.01 10.22
N TYR A 221 -7.33 12.68 9.51
CA TYR A 221 -7.03 13.89 8.77
C TYR A 221 -6.84 15.04 9.75
N ALA A 222 -6.30 16.15 9.26
CA ALA A 222 -6.07 17.30 10.13
C ALA A 222 -7.40 17.75 10.74
N VAL A 223 -7.40 17.95 12.05
CA VAL A 223 -8.57 18.43 12.77
C VAL A 223 -8.30 19.86 13.21
N ALA A 224 -9.24 20.75 12.90
CA ALA A 224 -9.08 22.17 13.21
C ALA A 224 -8.87 22.39 14.70
N THR A 225 -9.78 21.87 15.51
CA THR A 225 -9.71 22.09 16.96
C THR A 225 -8.61 21.25 17.58
N ASP A 240 -7.90 34.50 13.85
CA ASP A 240 -7.28 34.84 12.58
C ASP A 240 -6.80 33.58 11.87
N THR A 241 -6.06 32.74 12.61
CA THR A 241 -5.54 31.49 12.10
C THR A 241 -6.43 30.30 12.45
N TRP A 242 -7.53 30.52 13.16
CA TRP A 242 -8.45 29.43 13.45
C TRP A 242 -9.41 29.21 12.28
N ASP A 243 -10.19 30.22 11.93
CA ASP A 243 -11.13 30.10 10.83
C ASP A 243 -10.43 29.97 9.48
N ASP A 244 -9.16 30.32 9.40
CA ASP A 244 -8.41 30.27 8.15
C ASP A 244 -7.64 28.98 7.95
N PHE A 245 -7.17 28.36 9.04
CA PHE A 245 -6.73 26.98 8.93
C PHE A 245 -7.90 26.04 8.73
N ARG A 246 -9.04 26.35 9.37
N ARG A 246 -9.04 26.35 9.37
CA ARG A 246 -10.23 25.53 9.21
CA ARG A 246 -10.23 25.53 9.21
C ARG A 246 -10.75 25.58 7.77
C ARG A 246 -10.75 25.58 7.77
N ARG A 247 -10.77 26.77 7.17
CA ARG A 247 -11.21 26.88 5.80
C ARG A 247 -10.22 26.24 4.84
N PHE A 248 -8.96 26.11 5.23
CA PHE A 248 -7.94 25.57 4.35
C PHE A 248 -8.01 24.05 4.26
N VAL A 249 -8.09 23.36 5.40
CA VAL A 249 -8.17 21.91 5.37
C VAL A 249 -9.46 21.42 4.74
N ALA A 250 -10.52 22.22 4.80
CA ALA A 250 -11.79 21.84 4.20
C ALA A 250 -11.75 21.95 2.68
N ASP A 251 -11.05 22.96 2.17
CA ASP A 251 -10.93 23.13 0.72
C ASP A 251 -10.15 21.99 0.09
N ASN A 252 -9.12 21.51 0.77
CA ASN A 252 -8.31 20.42 0.25
C ASN A 252 -8.83 19.05 0.65
N ALA A 253 -9.97 18.99 1.33
CA ALA A 253 -10.56 17.72 1.71
C ALA A 253 -11.22 17.06 0.52
N ASN A 254 -11.15 15.72 0.48
CA ASN A 254 -11.87 14.98 -0.54
C ASN A 254 -13.37 15.03 -0.28
N LEU A 255 -13.78 14.78 0.95
CA LEU A 255 -15.18 14.74 1.33
C LEU A 255 -15.60 16.13 1.79
N GLN A 256 -16.49 16.77 1.04
CA GLN A 256 -16.95 18.11 1.31
C GLN A 256 -18.33 18.08 1.95
N GLY A 257 -18.67 19.18 2.62
CA GLY A 257 -19.94 19.26 3.32
C GLY A 257 -19.95 18.65 4.69
N VAL A 258 -18.78 18.28 5.23
CA VAL A 258 -18.65 17.74 6.57
C VAL A 258 -17.27 18.10 7.08
N GLU A 259 -17.22 18.48 8.35
N GLU A 259 -17.21 18.45 8.36
CA GLU A 259 -15.98 18.86 9.02
CA GLU A 259 -15.98 18.86 9.01
C GLU A 259 -15.52 17.75 9.94
C GLU A 259 -15.52 17.76 9.96
N LEU A 260 -14.25 17.38 9.87
CA LEU A 260 -13.70 16.36 10.75
C LEU A 260 -13.66 16.90 12.17
N THR A 261 -14.47 16.34 13.05
CA THR A 261 -14.43 16.70 14.46
C THR A 261 -13.67 15.65 15.25
N MET A 262 -13.34 16.01 16.49
CA MET A 262 -12.67 15.06 17.37
C MET A 262 -13.56 13.87 17.68
N GLU A 263 -14.86 14.09 17.79
CA GLU A 263 -15.78 12.98 18.05
C GLU A 263 -15.76 11.97 16.93
N ASP A 264 -15.50 12.40 15.70
CA ASP A 264 -15.40 11.46 14.59
C ASP A 264 -14.25 10.48 14.81
N VAL A 265 -13.09 10.99 15.21
CA VAL A 265 -11.95 10.13 15.48
C VAL A 265 -12.26 9.19 16.65
N ALA A 266 -12.86 9.72 17.71
CA ALA A 266 -13.24 8.90 18.85
C ALA A 266 -14.15 7.75 18.44
N ASN A 267 -15.12 8.02 17.57
CA ASN A 267 -16.01 6.96 17.13
C ASN A 267 -15.24 5.81 16.49
N ALA A 268 -14.18 6.13 15.75
CA ALA A 268 -13.37 5.07 15.14
C ALA A 268 -12.71 4.21 16.20
N VAL A 269 -12.21 4.84 17.27
CA VAL A 269 -11.59 4.09 18.35
C VAL A 269 -12.61 3.21 19.04
N VAL A 270 -13.77 3.78 19.36
CA VAL A 270 -14.83 3.00 20.00
C VAL A 270 -15.13 1.75 19.20
N PHE A 271 -15.19 1.90 17.88
CA PHE A 271 -15.41 0.75 17.01
C PHE A 271 -14.34 -0.31 17.24
N LEU A 272 -13.07 0.07 17.16
CA LEU A 272 -11.99 -0.90 17.29
C LEU A 272 -11.85 -1.43 18.70
N ALA A 273 -12.41 -0.75 19.68
CA ALA A 273 -12.36 -1.23 21.05
C ALA A 273 -13.43 -2.26 21.36
N SER A 274 -14.51 -2.31 20.58
CA SER A 274 -15.64 -3.14 20.92
C SER A 274 -15.56 -4.50 20.24
N ASP A 275 -16.53 -5.36 20.52
CA ASP A 275 -16.63 -6.67 19.89
C ASP A 275 -17.14 -6.61 18.47
N GLU A 276 -17.51 -5.44 17.97
CA GLU A 276 -17.80 -5.28 16.56
C GLU A 276 -16.54 -5.23 15.69
N ALA A 277 -15.37 -5.10 16.31
CA ALA A 277 -14.09 -5.25 15.65
C ALA A 277 -13.36 -6.48 16.15
N ARG A 278 -14.12 -7.47 16.62
N ARG A 278 -14.12 -7.47 16.62
CA ARG A 278 -13.56 -8.66 17.24
CA ARG A 278 -13.55 -8.65 17.25
C ARG A 278 -12.55 -9.37 16.37
C ARG A 278 -12.56 -9.38 16.36
N TYR A 279 -12.69 -9.26 15.05
CA TYR A 279 -11.75 -9.89 14.12
C TYR A 279 -11.00 -8.86 13.29
N VAL A 280 -10.85 -7.65 13.81
CA VAL A 280 -10.08 -6.61 13.12
C VAL A 280 -8.75 -6.48 13.82
N SER A 281 -7.65 -6.63 13.06
CA SER A 281 -6.33 -6.44 13.61
C SER A 281 -5.35 -6.09 12.50
N GLY A 282 -4.28 -5.42 12.89
CA GLY A 282 -3.27 -4.96 11.94
C GLY A 282 -3.81 -3.98 10.94
N MET A 283 -4.77 -3.16 11.35
CA MET A 283 -5.51 -2.31 10.43
C MET A 283 -5.19 -0.84 10.72
N ASN A 284 -4.97 -0.08 9.66
CA ASN A 284 -4.80 1.36 9.75
C ASN A 284 -6.11 1.99 9.30
N LEU A 285 -6.97 2.30 10.26
CA LEU A 285 -8.30 2.80 9.93
C LEU A 285 -8.19 4.30 9.66
N MET A 286 -8.30 4.67 8.38
CA MET A 286 -8.21 6.06 7.99
C MET A 286 -9.52 6.78 8.30
N VAL A 287 -9.40 7.97 8.87
CA VAL A 287 -10.56 8.82 9.13
C VAL A 287 -10.34 10.10 8.34
N ASP A 288 -9.82 9.96 7.13
CA ASP A 288 -9.42 11.11 6.33
C ASP A 288 -10.40 11.41 5.20
N GLY A 289 -11.59 10.84 5.24
CA GLY A 289 -12.59 11.13 4.23
C GLY A 289 -12.16 10.83 2.82
N GLY A 290 -11.18 9.95 2.65
CA GLY A 290 -10.65 9.64 1.34
C GLY A 290 -9.47 10.48 0.92
N PHE A 291 -8.87 11.23 1.83
CA PHE A 291 -7.81 12.17 1.44
C PHE A 291 -6.59 11.43 0.92
N THR A 292 -6.20 10.32 1.53
CA THR A 292 -4.99 9.63 1.15
C THR A 292 -5.19 8.68 -0.04
N SER A 293 -6.38 8.15 -0.21
CA SER A 293 -6.64 7.24 -1.32
C SER A 293 -6.87 7.97 -2.63
N THR A 294 -6.91 9.30 -2.64
CA THR A 294 -7.16 10.05 -3.85
C THR A 294 -6.11 11.15 -4.01
N ASN A 295 -6.09 11.75 -5.20
CA ASN A 295 -5.21 12.87 -5.50
C ASN A 295 -5.88 13.71 -6.57
N HIS A 296 -6.30 14.93 -6.22
CA HIS A 296 -7.01 15.80 -7.14
C HIS A 296 -6.09 16.80 -7.82
N ALA A 297 -4.82 16.44 -8.02
CA ALA A 297 -3.87 17.38 -8.59
C ALA A 297 -4.09 17.56 -10.09
N LEU A 298 -4.64 16.57 -10.77
CA LEU A 298 -4.89 16.66 -12.20
C LEU A 298 -6.27 17.21 -12.53
N GLN A 299 -7.07 17.53 -11.51
CA GLN A 299 -8.38 18.16 -11.71
C GLN A 299 -9.29 17.33 -12.60
N VAL A 300 -9.26 16.01 -12.41
CA VAL A 300 -10.19 15.14 -13.12
C VAL A 300 -11.60 15.35 -12.58
N PHE A 301 -11.75 15.41 -11.26
CA PHE A 301 -13.06 15.52 -10.64
C PHE A 301 -13.26 16.80 -9.83
N ARG A 302 -12.21 17.47 -9.44
CA ARG A 302 -12.34 18.77 -8.80
C ARG A 302 -11.88 19.85 -9.75
N PRO A 303 -12.54 21.01 -9.78
CA PRO A 303 -12.06 22.11 -10.63
C PRO A 303 -10.79 22.76 -10.10
N LEU B 34 -30.44 5.47 24.12
CA LEU B 34 -29.73 5.66 22.87
C LEU B 34 -30.50 5.09 21.68
N PRO B 35 -30.67 5.90 20.64
CA PRO B 35 -31.45 5.45 19.49
C PRO B 35 -30.70 4.40 18.69
N LEU B 36 -31.44 3.70 17.84
CA LEU B 36 -30.84 2.70 16.98
C LEU B 36 -29.93 3.38 15.96
N ARG B 37 -28.82 2.70 15.63
CA ARG B 37 -27.74 3.35 14.90
C ARG B 37 -28.10 3.68 13.47
N LEU B 38 -29.12 3.05 12.91
CA LEU B 38 -29.50 3.29 11.51
C LEU B 38 -30.97 3.65 11.39
N LEU B 39 -31.53 4.27 12.41
CA LEU B 39 -32.96 4.51 12.44
C LEU B 39 -33.38 5.42 11.29
N GLY B 40 -34.32 4.94 10.48
CA GLY B 40 -34.86 5.73 9.39
C GLY B 40 -34.09 5.63 8.09
N ARG B 41 -32.87 5.13 8.11
CA ARG B 41 -32.09 5.01 6.89
C ARG B 41 -32.63 3.90 6.00
N VAL B 42 -32.58 4.12 4.69
CA VAL B 42 -33.03 3.14 3.71
C VAL B 42 -31.82 2.52 3.06
N ALA B 43 -31.81 1.20 2.95
CA ALA B 43 -30.68 0.45 2.44
C ALA B 43 -31.11 -0.53 1.36
N LEU B 44 -30.28 -0.66 0.33
CA LEU B 44 -30.43 -1.66 -0.71
C LEU B 44 -29.26 -2.63 -0.62
N VAL B 45 -29.55 -3.92 -0.61
CA VAL B 45 -28.51 -4.93 -0.45
C VAL B 45 -28.62 -5.92 -1.60
N THR B 46 -27.59 -5.99 -2.44
CA THR B 46 -27.57 -6.90 -3.55
C THR B 46 -26.94 -8.21 -3.11
N GLY B 47 -27.62 -9.32 -3.39
CA GLY B 47 -27.17 -10.60 -2.87
C GLY B 47 -27.54 -10.85 -1.45
N GLY B 48 -28.55 -10.16 -0.92
CA GLY B 48 -28.92 -10.26 0.47
C GLY B 48 -29.69 -11.50 0.85
N SER B 49 -30.03 -12.36 -0.11
CA SER B 49 -30.86 -13.52 0.23
C SER B 49 -30.08 -14.56 1.01
N SER B 50 -28.77 -14.64 0.84
CA SER B 50 -28.02 -15.71 1.49
C SER B 50 -26.59 -15.27 1.75
N GLY B 51 -25.95 -15.99 2.67
CA GLY B 51 -24.54 -15.75 2.95
C GLY B 51 -24.33 -14.48 3.75
N ILE B 52 -23.31 -13.72 3.36
CA ILE B 52 -22.98 -12.49 4.09
C ILE B 52 -24.11 -11.48 3.94
N GLY B 53 -24.73 -11.42 2.77
CA GLY B 53 -25.80 -10.47 2.56
C GLY B 53 -26.97 -10.70 3.50
N GLU B 54 -27.28 -11.96 3.78
CA GLU B 54 -28.34 -12.26 4.73
C GLU B 54 -28.01 -11.70 6.11
N SER B 55 -26.76 -11.84 6.53
CA SER B 55 -26.33 -11.27 7.80
C SER B 55 -26.48 -9.75 7.79
N ILE B 56 -25.99 -9.11 6.73
CA ILE B 56 -26.08 -7.65 6.64
C ILE B 56 -27.53 -7.21 6.75
N VAL B 57 -28.43 -7.89 6.05
CA VAL B 57 -29.83 -7.51 6.08
C VAL B 57 -30.39 -7.66 7.48
N LEU B 58 -30.10 -8.79 8.12
N LEU B 58 -30.11 -8.80 8.12
CA LEU B 58 -30.60 -9.02 9.47
CA LEU B 58 -30.61 -9.03 9.47
C LEU B 58 -30.07 -7.99 10.44
C LEU B 58 -30.07 -8.00 10.45
N LEU B 59 -28.77 -7.69 10.35
CA LEU B 59 -28.19 -6.70 11.25
C LEU B 59 -28.78 -5.31 11.00
N PHE B 60 -28.92 -4.93 9.73
CA PHE B 60 -29.50 -3.64 9.38
C PHE B 60 -30.89 -3.49 9.99
N ARG B 61 -31.72 -4.53 9.93
CA ARG B 61 -33.05 -4.45 10.53
C ARG B 61 -32.98 -4.22 12.02
N LYS B 62 -32.07 -4.92 12.70
CA LYS B 62 -31.93 -4.81 14.14
C LYS B 62 -31.58 -3.39 14.57
N HIS B 63 -30.89 -2.63 13.71
CA HIS B 63 -30.49 -1.27 14.05
C HIS B 63 -31.42 -0.22 13.46
N GLY B 64 -32.62 -0.63 13.07
CA GLY B 64 -33.67 0.30 12.69
C GLY B 64 -33.77 0.64 11.22
N ALA B 65 -33.03 -0.03 10.36
CA ALA B 65 -33.02 0.34 8.96
C ALA B 65 -34.18 -0.29 8.22
N LYS B 66 -34.57 0.35 7.12
CA LYS B 66 -35.45 -0.27 6.13
C LYS B 66 -34.58 -0.82 5.02
N VAL B 67 -34.83 -2.06 4.62
CA VAL B 67 -33.92 -2.79 3.75
C VAL B 67 -34.69 -3.35 2.56
N CYS B 68 -34.09 -3.23 1.39
CA CYS B 68 -34.58 -3.89 0.18
C CYS B 68 -33.52 -4.84 -0.31
N ILE B 69 -33.92 -6.08 -0.53
CA ILE B 69 -33.03 -7.12 -1.04
C ILE B 69 -33.20 -7.19 -2.55
N ALA B 70 -32.09 -7.15 -3.27
CA ALA B 70 -32.07 -7.41 -4.71
C ALA B 70 -31.25 -8.66 -4.96
N ASP B 71 -31.90 -9.72 -5.41
CA ASP B 71 -31.21 -10.98 -5.61
C ASP B 71 -31.91 -11.79 -6.70
N VAL B 72 -31.15 -12.70 -7.30
CA VAL B 72 -31.63 -13.53 -8.39
C VAL B 72 -32.62 -14.56 -7.86
N GLN B 73 -33.27 -15.30 -8.77
CA GLN B 73 -34.24 -16.32 -8.38
C GLN B 73 -35.36 -15.69 -7.56
N ASP B 74 -36.20 -14.89 -8.22
CA ASP B 74 -37.25 -14.13 -7.55
C ASP B 74 -38.07 -14.98 -6.58
N ASN B 75 -38.04 -16.31 -6.72
CA ASN B 75 -38.67 -17.16 -5.72
C ASN B 75 -37.92 -17.12 -4.39
N GLN B 76 -36.60 -17.32 -4.42
CA GLN B 76 -35.86 -17.53 -3.18
C GLN B 76 -35.78 -16.27 -2.33
N GLY B 77 -35.72 -15.09 -2.97
CA GLY B 77 -35.69 -13.87 -2.20
C GLY B 77 -36.94 -13.68 -1.36
N GLN B 78 -38.10 -14.02 -1.93
CA GLN B 78 -39.31 -14.09 -1.12
C GLN B 78 -39.27 -15.29 -0.17
N ARG B 79 -38.67 -16.40 -0.60
CA ARG B 79 -38.58 -17.58 0.26
C ARG B 79 -37.83 -17.27 1.54
N LEU B 80 -36.72 -16.54 1.43
CA LEU B 80 -36.12 -15.97 2.63
C LEU B 80 -37.06 -15.00 3.32
N CYS B 81 -37.75 -14.16 2.54
CA CYS B 81 -38.64 -13.15 3.12
C CYS B 81 -39.75 -13.80 3.92
N GLU B 82 -40.20 -14.99 3.51
CA GLU B 82 -41.16 -15.73 4.32
C GLU B 82 -40.57 -16.11 5.67
N THR B 83 -39.30 -16.53 5.69
CA THR B 83 -38.66 -16.95 6.94
C THR B 83 -38.58 -15.81 7.94
N LEU B 84 -38.17 -14.62 7.49
CA LEU B 84 -38.06 -13.48 8.38
C LEU B 84 -39.40 -12.81 8.66
N GLY B 85 -40.41 -13.08 7.85
CA GLY B 85 -41.75 -12.56 8.06
C GLY B 85 -42.10 -11.49 7.03
N GLY B 86 -43.37 -11.08 7.09
CA GLY B 86 -43.88 -10.06 6.20
C GLY B 86 -43.77 -8.65 6.76
N SER B 87 -42.58 -8.29 7.25
CA SER B 87 -42.39 -6.96 7.82
C SER B 87 -42.65 -5.88 6.78
N SER B 88 -43.25 -4.78 7.22
CA SER B 88 -43.47 -3.62 6.36
C SER B 88 -42.24 -2.74 6.22
N ASP B 89 -41.08 -3.21 6.68
CA ASP B 89 -39.82 -2.50 6.53
C ASP B 89 -38.78 -3.35 5.82
N ILE B 90 -39.21 -4.35 5.05
CA ILE B 90 -38.32 -5.17 4.24
C ILE B 90 -39.06 -5.50 2.94
N ALA B 91 -38.31 -5.60 1.85
CA ALA B 91 -38.92 -5.80 0.55
C ALA B 91 -37.91 -6.46 -0.38
N PHE B 92 -38.42 -7.16 -1.38
CA PHE B 92 -37.59 -7.92 -2.30
C PHE B 92 -37.85 -7.49 -3.73
N CYS B 93 -36.80 -7.26 -4.49
CA CYS B 93 -36.87 -6.98 -5.91
C CYS B 93 -35.96 -7.94 -6.65
N HIS B 94 -36.46 -8.58 -7.70
CA HIS B 94 -35.65 -9.48 -8.49
C HIS B 94 -34.69 -8.69 -9.37
N CYS B 95 -33.41 -9.02 -9.31
CA CYS B 95 -32.39 -8.21 -9.96
C CYS B 95 -31.16 -9.06 -10.28
N ASP B 96 -30.83 -9.15 -11.56
CA ASP B 96 -29.54 -9.67 -12.00
C ASP B 96 -28.58 -8.49 -12.07
N VAL B 97 -27.58 -8.46 -11.19
CA VAL B 97 -26.67 -7.33 -11.12
C VAL B 97 -25.78 -7.20 -12.34
N THR B 98 -25.79 -8.18 -13.24
CA THR B 98 -25.06 -8.02 -14.50
C THR B 98 -25.88 -7.28 -15.55
N ILE B 99 -27.14 -6.96 -15.25
CA ILE B 99 -28.00 -6.22 -16.16
C ILE B 99 -28.24 -4.84 -15.56
N GLU B 100 -27.86 -3.80 -16.30
CA GLU B 100 -27.99 -2.44 -15.77
C GLU B 100 -29.46 -2.09 -15.52
N ASP B 101 -30.35 -2.52 -16.41
CA ASP B 101 -31.76 -2.16 -16.24
C ASP B 101 -32.37 -2.85 -15.03
N ASP B 102 -31.86 -4.02 -14.65
CA ASP B 102 -32.33 -4.67 -13.43
C ASP B 102 -31.95 -3.86 -12.19
N VAL B 103 -30.67 -3.50 -12.08
CA VAL B 103 -30.23 -2.72 -10.93
C VAL B 103 -30.95 -1.39 -10.89
N LYS B 104 -31.16 -0.78 -12.07
N LYS B 104 -31.17 -0.79 -12.07
CA LYS B 104 -31.94 0.44 -12.15
CA LYS B 104 -31.95 0.44 -12.14
C LYS B 104 -33.32 0.23 -11.56
C LYS B 104 -33.34 0.24 -11.58
N ARG B 105 -33.98 -0.86 -11.92
N ARG B 105 -33.98 -0.87 -11.92
CA ARG B 105 -35.31 -1.11 -11.42
CA ARG B 105 -35.33 -1.12 -11.42
C ARG B 105 -35.31 -1.36 -9.91
C ARG B 105 -35.31 -1.37 -9.91
N ALA B 106 -34.23 -1.94 -9.39
CA ALA B 106 -34.11 -2.13 -7.94
C ALA B 106 -34.09 -0.79 -7.22
N VAL B 107 -33.21 0.12 -7.65
CA VAL B 107 -33.12 1.41 -7.00
C VAL B 107 -34.42 2.19 -7.13
N ASP B 108 -35.02 2.18 -8.31
CA ASP B 108 -36.29 2.87 -8.49
C ASP B 108 -37.38 2.25 -7.64
N PHE B 109 -37.30 0.94 -7.41
CA PHE B 109 -38.27 0.26 -6.57
C PHE B 109 -38.11 0.68 -5.12
N THR B 110 -36.86 0.72 -4.63
CA THR B 110 -36.58 1.04 -3.24
C THR B 110 -37.07 2.43 -2.87
N VAL B 111 -36.72 3.43 -3.69
CA VAL B 111 -37.13 4.78 -3.37
C VAL B 111 -38.64 4.94 -3.47
N ASP B 112 -39.32 4.06 -4.20
CA ASP B 112 -40.78 4.11 -4.22
C ASP B 112 -41.39 3.45 -3.00
N LYS B 113 -40.72 2.47 -2.39
CA LYS B 113 -41.21 1.90 -1.14
C LYS B 113 -40.96 2.84 0.03
N PHE B 114 -39.70 3.18 0.26
CA PHE B 114 -39.27 3.81 1.49
C PHE B 114 -38.90 5.28 1.35
N GLY B 115 -38.96 5.84 0.14
CA GLY B 115 -38.87 7.25 -0.06
C GLY B 115 -37.50 7.80 -0.39
N THR B 116 -36.44 7.02 -0.22
CA THR B 116 -35.09 7.48 -0.55
C THR B 116 -34.17 6.27 -0.58
N LEU B 117 -32.89 6.53 -0.78
CA LEU B 117 -31.86 5.51 -0.74
C LEU B 117 -30.64 6.11 -0.05
N ASP B 118 -30.33 5.63 1.14
CA ASP B 118 -29.21 6.13 1.94
C ASP B 118 -28.02 5.19 1.97
N ILE B 119 -28.24 3.88 1.86
CA ILE B 119 -27.16 2.91 1.93
C ILE B 119 -27.28 1.97 0.76
N MET B 120 -26.16 1.71 0.09
CA MET B 120 -26.11 0.78 -1.01
C MET B 120 -25.01 -0.24 -0.72
N VAL B 121 -25.37 -1.51 -0.65
CA VAL B 121 -24.42 -2.57 -0.36
C VAL B 121 -24.30 -3.47 -1.57
N ASN B 122 -23.11 -3.57 -2.14
CA ASN B 122 -22.84 -4.43 -3.29
C ASN B 122 -22.22 -5.72 -2.77
N ASN B 123 -23.05 -6.70 -2.49
CA ASN B 123 -22.56 -7.96 -1.95
C ASN B 123 -22.51 -9.07 -2.99
N ALA B 124 -23.15 -8.90 -4.14
CA ALA B 124 -23.09 -9.92 -5.18
C ALA B 124 -21.64 -10.16 -5.58
N GLY B 125 -21.19 -11.40 -5.43
CA GLY B 125 -19.82 -11.73 -5.74
C GLY B 125 -19.61 -13.21 -5.83
N VAL B 126 -18.79 -13.63 -6.77
CA VAL B 126 -18.46 -15.04 -6.99
C VAL B 126 -16.95 -15.16 -7.11
N SER B 127 -16.48 -16.40 -7.14
CA SER B 127 -15.05 -16.66 -7.14
C SER B 127 -14.55 -17.43 -8.36
N GLY B 128 -15.33 -18.36 -8.90
CA GLY B 128 -14.86 -19.18 -9.98
C GLY B 128 -14.22 -20.44 -9.46
N PRO B 129 -14.06 -21.45 -10.31
CA PRO B 129 -13.44 -22.69 -9.87
C PRO B 129 -11.97 -22.48 -9.59
N PRO B 130 -11.38 -23.26 -8.68
CA PRO B 130 -9.93 -23.21 -8.52
C PRO B 130 -9.24 -23.64 -9.80
N CYS B 131 -8.17 -22.94 -10.14
CA CYS B 131 -7.38 -23.31 -11.30
C CYS B 131 -5.91 -23.24 -10.93
N PRO B 132 -5.25 -24.39 -10.75
CA PRO B 132 -3.86 -24.36 -10.28
C PRO B 132 -2.85 -24.01 -11.37
N ASP B 133 -3.20 -24.15 -12.65
CA ASP B 133 -2.29 -23.86 -13.75
C ASP B 133 -2.95 -22.87 -14.68
N ILE B 134 -2.31 -21.71 -14.85
CA ILE B 134 -2.84 -20.66 -15.70
C ILE B 134 -3.04 -21.14 -17.13
N ARG B 135 -2.28 -22.15 -17.55
CA ARG B 135 -2.41 -22.63 -18.92
C ARG B 135 -3.74 -23.32 -19.17
N ASP B 136 -4.49 -23.62 -18.12
CA ASP B 136 -5.81 -24.23 -18.25
C ASP B 136 -6.93 -23.27 -17.89
N PHE B 137 -6.63 -21.99 -17.69
CA PHE B 137 -7.64 -21.02 -17.31
C PHE B 137 -8.42 -20.56 -18.54
N GLU B 138 -9.71 -20.88 -18.56
N GLU B 138 -9.71 -20.88 -18.56
CA GLU B 138 -10.58 -20.52 -19.67
CA GLU B 138 -10.59 -20.52 -19.67
C GLU B 138 -11.02 -19.07 -19.59
C GLU B 138 -11.01 -19.06 -19.58
N LEU B 139 -11.02 -18.39 -20.73
CA LEU B 139 -11.39 -16.97 -20.74
C LEU B 139 -12.87 -16.77 -20.49
N SER B 140 -13.71 -17.75 -20.83
CA SER B 140 -15.12 -17.68 -20.49
C SER B 140 -15.31 -17.63 -18.98
N ALA B 141 -14.60 -18.49 -18.24
CA ALA B 141 -14.64 -18.41 -16.79
C ALA B 141 -14.15 -17.06 -16.31
N PHE B 142 -13.08 -16.58 -16.92
CA PHE B 142 -12.54 -15.26 -16.59
C PHE B 142 -13.57 -14.18 -16.82
N ASP B 143 -14.22 -14.19 -17.98
CA ASP B 143 -15.20 -13.15 -18.32
C ASP B 143 -16.33 -13.11 -17.31
N ARG B 144 -16.81 -14.27 -16.87
CA ARG B 144 -17.96 -14.32 -15.99
C ARG B 144 -17.66 -13.68 -14.63
N VAL B 145 -16.46 -13.89 -14.11
CA VAL B 145 -16.14 -13.37 -12.78
C VAL B 145 -16.05 -11.85 -12.80
N PHE B 146 -15.47 -11.28 -13.85
CA PHE B 146 -15.38 -9.83 -13.94
C PHE B 146 -16.74 -9.20 -14.23
N ASP B 147 -17.62 -9.92 -14.93
CA ASP B 147 -18.96 -9.41 -15.18
C ASP B 147 -19.73 -9.23 -13.87
N ILE B 148 -19.60 -10.17 -12.96
CA ILE B 148 -20.35 -10.12 -11.72
C ILE B 148 -19.64 -9.29 -10.66
N ASN B 149 -18.33 -9.45 -10.53
CA ASN B 149 -17.62 -8.84 -9.42
C ASN B 149 -17.30 -7.37 -9.66
N VAL B 150 -17.03 -6.98 -10.88
CA VAL B 150 -16.63 -5.62 -11.21
C VAL B 150 -17.75 -4.85 -11.87
N ARG B 151 -18.28 -5.38 -12.98
CA ARG B 151 -19.36 -4.70 -13.69
C ARG B 151 -20.59 -4.56 -12.80
N GLY B 152 -20.92 -5.60 -12.04
CA GLY B 152 -22.05 -5.51 -11.14
C GLY B 152 -21.86 -4.45 -10.07
N VAL B 153 -20.63 -4.32 -9.57
CA VAL B 153 -20.38 -3.32 -8.53
C VAL B 153 -20.43 -1.91 -9.10
N PHE B 154 -19.90 -1.71 -10.30
CA PHE B 154 -19.93 -0.37 -10.89
C PHE B 154 -21.35 0.07 -11.18
N ILE B 155 -22.18 -0.84 -11.71
CA ILE B 155 -23.58 -0.51 -11.97
C ILE B 155 -24.28 -0.10 -10.68
N GLY B 156 -23.99 -0.80 -9.59
CA GLY B 156 -24.58 -0.43 -8.32
C GLY B 156 -24.18 0.96 -7.88
N MET B 157 -22.89 1.28 -7.99
CA MET B 157 -22.44 2.63 -7.69
C MET B 157 -23.14 3.64 -8.60
N LYS B 158 -23.24 3.33 -9.89
CA LYS B 158 -23.76 4.31 -10.85
C LYS B 158 -25.20 4.69 -10.53
N HIS B 159 -26.03 3.72 -10.17
CA HIS B 159 -27.44 4.02 -9.95
C HIS B 159 -27.74 4.46 -8.54
N ALA B 160 -26.96 4.02 -7.55
CA ALA B 160 -27.03 4.65 -6.24
C ALA B 160 -26.64 6.12 -6.33
N ALA B 161 -25.66 6.45 -7.17
CA ALA B 161 -25.27 7.84 -7.35
C ALA B 161 -26.39 8.69 -7.91
N ARG B 162 -27.25 8.09 -8.73
CA ARG B 162 -28.35 8.81 -9.34
C ARG B 162 -29.34 9.32 -8.30
N ILE B 163 -29.40 8.68 -7.14
CA ILE B 163 -30.26 9.10 -6.05
C ILE B 163 -29.51 9.95 -5.05
N MET B 164 -28.30 9.52 -4.67
CA MET B 164 -27.61 10.10 -3.54
C MET B 164 -27.03 11.48 -3.84
N ILE B 165 -26.69 11.76 -5.09
CA ILE B 165 -26.10 13.03 -5.47
C ILE B 165 -27.07 14.18 -5.23
N PRO B 166 -28.33 14.12 -5.67
CA PRO B 166 -29.26 15.22 -5.35
C PRO B 166 -29.63 15.32 -3.89
N ALA B 167 -29.51 14.23 -3.12
CA ALA B 167 -29.74 14.30 -1.69
C ALA B 167 -28.52 14.82 -0.94
N LYS B 168 -27.35 14.77 -1.57
N LYS B 168 -27.35 14.75 -1.56
CA LYS B 168 -26.08 15.21 -0.97
CA LYS B 168 -26.09 15.20 -0.98
C LYS B 168 -25.69 14.37 0.23
C LYS B 168 -25.70 14.36 0.23
N LYS B 169 -26.06 13.08 0.24
N LYS B 169 -26.08 13.08 0.25
CA LYS B 169 -25.73 12.22 1.35
CA LYS B 169 -25.71 12.21 1.35
C LYS B 169 -25.86 10.77 0.94
C LYS B 169 -25.86 10.76 0.94
N GLY B 170 -25.07 9.91 1.55
CA GLY B 170 -25.20 8.48 1.32
C GLY B 170 -23.92 7.75 1.64
N SER B 171 -24.02 6.43 1.58
CA SER B 171 -22.93 5.54 1.94
C SER B 171 -22.99 4.32 1.05
N ILE B 172 -21.95 4.11 0.26
CA ILE B 172 -21.86 2.98 -0.65
C ILE B 172 -20.80 2.03 -0.13
N ILE B 173 -21.17 0.75 0.04
CA ILE B 173 -20.28 -0.24 0.62
C ILE B 173 -20.24 -1.46 -0.29
N SER B 174 -19.03 -1.88 -0.66
CA SER B 174 -18.82 -3.08 -1.47
C SER B 174 -18.08 -4.14 -0.67
N ILE B 175 -18.46 -5.39 -0.86
CA ILE B 175 -17.83 -6.50 -0.16
C ILE B 175 -16.75 -7.09 -1.05
N SER B 176 -15.52 -6.75 -0.73
CA SER B 176 -14.33 -7.27 -1.39
C SER B 176 -13.85 -8.50 -0.62
N SER B 177 -12.59 -8.90 -0.70
CA SER B 177 -12.03 -9.91 0.20
C SER B 177 -10.55 -9.59 0.34
N VAL B 178 -9.85 -10.43 1.12
CA VAL B 178 -8.42 -10.23 1.32
C VAL B 178 -7.67 -10.28 0.00
N ALA B 179 -8.25 -10.92 -1.03
CA ALA B 179 -7.65 -10.93 -2.35
C ALA B 179 -7.61 -9.55 -2.99
N SER B 180 -8.22 -8.54 -2.38
CA SER B 180 -8.11 -7.19 -2.90
C SER B 180 -6.76 -6.57 -2.65
N THR B 181 -5.98 -7.09 -1.70
CA THR B 181 -4.69 -6.50 -1.36
C THR B 181 -3.50 -7.41 -1.63
N MET B 182 -3.69 -8.71 -1.74
CA MET B 182 -2.56 -9.63 -1.86
C MET B 182 -2.84 -10.72 -2.88
N GLY B 183 -1.80 -11.11 -3.61
CA GLY B 183 -1.91 -12.22 -4.53
C GLY B 183 -1.67 -13.56 -3.86
N GLY B 184 -2.12 -14.62 -4.53
CA GLY B 184 -1.99 -15.97 -4.05
C GLY B 184 -3.10 -16.45 -3.16
N LEU B 185 -4.06 -15.62 -2.81
CA LEU B 185 -5.12 -16.01 -1.89
C LEU B 185 -6.34 -16.54 -2.62
N GLY B 186 -6.26 -16.71 -3.93
CA GLY B 186 -7.38 -17.16 -4.70
C GLY B 186 -7.06 -17.18 -6.18
N PRO B 187 -8.04 -17.57 -7.00
CA PRO B 187 -7.80 -17.67 -8.44
C PRO B 187 -7.52 -16.32 -9.06
N HIS B 188 -7.01 -16.37 -10.29
CA HIS B 188 -6.56 -15.15 -10.97
C HIS B 188 -7.71 -14.19 -11.21
N ALA B 189 -8.80 -14.67 -11.81
CA ALA B 189 -9.92 -13.78 -12.11
C ALA B 189 -10.51 -13.20 -10.83
N TYR B 190 -10.58 -14.01 -9.78
CA TYR B 190 -11.06 -13.52 -8.50
C TYR B 190 -10.15 -12.43 -7.95
N THR B 191 -8.85 -12.69 -7.90
CA THR B 191 -7.92 -11.73 -7.33
C THR B 191 -7.91 -10.44 -8.13
N GLY B 192 -7.93 -10.55 -9.46
CA GLY B 192 -7.96 -9.35 -10.28
C GLY B 192 -9.21 -8.53 -10.05
N SER B 193 -10.36 -9.17 -9.97
CA SER B 193 -11.61 -8.45 -9.78
C SER B 193 -11.67 -7.79 -8.43
N LYS B 194 -11.19 -8.47 -7.39
CA LYS B 194 -11.19 -7.87 -6.05
C LYS B 194 -10.27 -6.66 -6.00
N HIS B 195 -9.16 -6.70 -6.72
CA HIS B 195 -8.32 -5.51 -6.85
C HIS B 195 -9.06 -4.42 -7.59
N ALA B 196 -9.76 -4.78 -8.67
CA ALA B 196 -10.49 -3.78 -9.45
C ALA B 196 -11.54 -3.08 -8.59
N VAL B 197 -12.17 -3.82 -7.68
CA VAL B 197 -13.20 -3.22 -6.84
C VAL B 197 -12.59 -2.16 -5.93
N LEU B 198 -11.41 -2.45 -5.37
CA LEU B 198 -10.74 -1.44 -4.55
C LEU B 198 -10.42 -0.20 -5.37
N GLY B 199 -9.93 -0.40 -6.60
CA GLY B 199 -9.65 0.74 -7.46
C GLY B 199 -10.88 1.55 -7.80
N LEU B 200 -11.99 0.88 -8.10
CA LEU B 200 -13.24 1.60 -8.32
C LEU B 200 -13.66 2.34 -7.07
N THR B 201 -13.54 1.70 -5.91
CA THR B 201 -13.93 2.33 -4.67
C THR B 201 -13.19 3.64 -4.46
N LYS B 202 -11.87 3.64 -4.66
N LYS B 202 -11.88 3.63 -4.66
CA LYS B 202 -11.09 4.84 -4.44
CA LYS B 202 -11.09 4.84 -4.45
C LYS B 202 -11.40 5.90 -5.49
C LYS B 202 -11.42 5.90 -5.49
N ASN B 203 -11.58 5.50 -6.75
CA ASN B 203 -11.86 6.47 -7.79
C ASN B 203 -13.25 7.08 -7.65
N VAL B 204 -14.25 6.26 -7.36
CA VAL B 204 -15.60 6.79 -7.19
C VAL B 204 -15.69 7.61 -5.92
N ALA B 205 -14.95 7.22 -4.88
CA ALA B 205 -14.83 8.05 -3.69
C ALA B 205 -14.30 9.44 -4.05
N ALA B 206 -13.38 9.51 -5.00
CA ALA B 206 -12.86 10.81 -5.43
C ALA B 206 -13.94 11.64 -6.10
N GLU B 207 -14.77 11.04 -6.95
CA GLU B 207 -15.80 11.82 -7.63
C GLU B 207 -16.95 12.20 -6.70
N LEU B 208 -17.36 11.30 -5.83
CA LEU B 208 -18.55 11.55 -5.03
C LEU B 208 -18.25 12.25 -3.70
N GLY B 209 -16.98 12.47 -3.39
CA GLY B 209 -16.66 13.19 -2.17
C GLY B 209 -17.20 14.60 -2.16
N LYS B 210 -17.23 15.26 -3.32
CA LYS B 210 -17.70 16.64 -3.37
C LYS B 210 -19.19 16.75 -3.15
N HIS B 211 -19.92 15.64 -3.11
CA HIS B 211 -21.33 15.67 -2.80
C HIS B 211 -21.68 15.14 -1.41
N GLY B 212 -20.69 14.72 -0.64
CA GLY B 212 -20.95 14.20 0.69
C GLY B 212 -21.22 12.71 0.75
N ILE B 213 -20.88 11.98 -0.30
CA ILE B 213 -21.17 10.57 -0.42
C ILE B 213 -19.92 9.77 -0.08
N ARG B 214 -20.05 8.79 0.81
CA ARG B 214 -18.94 7.97 1.23
C ARG B 214 -18.94 6.65 0.50
N VAL B 215 -17.78 6.26 -0.02
CA VAL B 215 -17.59 5.00 -0.73
C VAL B 215 -16.51 4.22 0.00
N ASN B 216 -16.82 3.00 0.39
CA ASN B 216 -15.87 2.16 1.10
C ASN B 216 -16.09 0.72 0.69
N CYS B 217 -15.13 -0.13 1.05
CA CYS B 217 -15.26 -1.55 0.80
C CYS B 217 -14.78 -2.33 2.01
N VAL B 218 -15.32 -3.52 2.17
CA VAL B 218 -15.02 -4.40 3.29
C VAL B 218 -14.41 -5.68 2.74
N SER B 219 -13.24 -6.03 3.24
CA SER B 219 -12.48 -7.17 2.73
C SER B 219 -12.35 -8.24 3.79
N PRO B 220 -13.16 -9.29 3.77
CA PRO B 220 -13.07 -10.34 4.78
C PRO B 220 -12.03 -11.40 4.47
N TYR B 221 -11.63 -12.08 5.53
CA TYR B 221 -10.89 -13.32 5.48
C TYR B 221 -11.85 -14.44 5.13
N ALA B 222 -11.31 -15.59 4.74
CA ALA B 222 -12.15 -16.72 4.38
C ALA B 222 -13.08 -17.05 5.54
N VAL B 223 -14.36 -17.20 5.25
CA VAL B 223 -15.37 -17.52 6.24
C VAL B 223 -15.91 -18.91 5.96
N ALA B 224 -15.86 -19.79 6.96
CA ALA B 224 -16.54 -21.06 6.89
C ALA B 224 -18.04 -20.84 6.75
N THR B 225 -18.67 -21.67 5.92
CA THR B 225 -20.10 -21.55 5.63
C THR B 225 -20.42 -20.19 5.02
N THR B 241 -16.37 -32.45 5.15
CA THR B 241 -15.24 -31.58 4.84
C THR B 241 -15.49 -30.17 5.34
N TRP B 242 -16.25 -30.05 6.42
CA TRP B 242 -16.57 -28.73 6.96
C TRP B 242 -15.56 -28.33 8.03
N ASP B 243 -15.38 -29.18 9.05
CA ASP B 243 -14.38 -28.94 10.07
C ASP B 243 -12.96 -29.01 9.53
N ASP B 244 -12.78 -29.51 8.30
CA ASP B 244 -11.47 -29.60 7.67
C ASP B 244 -11.08 -28.30 6.97
N PHE B 245 -12.05 -27.61 6.36
CA PHE B 245 -11.81 -26.26 5.92
C PHE B 245 -11.83 -25.28 7.09
N ARG B 246 -12.66 -25.55 8.09
CA ARG B 246 -12.71 -24.70 9.27
C ARG B 246 -11.38 -24.73 10.03
N ARG B 247 -10.78 -25.91 10.17
CA ARG B 247 -9.48 -25.98 10.82
C ARG B 247 -8.39 -25.31 9.99
N PHE B 248 -8.46 -25.49 8.67
CA PHE B 248 -7.39 -24.99 7.81
C PHE B 248 -7.29 -23.46 7.87
N VAL B 249 -8.42 -22.77 7.72
CA VAL B 249 -8.38 -21.32 7.76
C VAL B 249 -7.99 -20.82 9.15
N ALA B 250 -8.33 -21.57 10.19
CA ALA B 250 -8.00 -21.15 11.55
C ALA B 250 -6.52 -21.34 11.85
N ASP B 251 -5.92 -22.42 11.33
CA ASP B 251 -4.50 -22.66 11.57
C ASP B 251 -3.65 -21.61 10.90
N ASN B 252 -4.04 -21.15 9.73
CA ASN B 252 -3.29 -20.13 9.01
C ASN B 252 -3.71 -18.72 9.36
N ALA B 253 -4.63 -18.56 10.30
CA ALA B 253 -5.06 -17.24 10.73
C ALA B 253 -4.01 -16.59 11.63
N ASN B 254 -3.88 -15.27 11.50
CA ASN B 254 -3.01 -14.53 12.40
C ASN B 254 -3.62 -14.48 13.79
N LEU B 255 -4.89 -14.14 13.89
CA LEU B 255 -5.58 -14.01 15.17
C LEU B 255 -6.21 -15.34 15.54
N GLN B 256 -5.72 -15.95 16.61
CA GLN B 256 -6.21 -17.24 17.07
C GLN B 256 -7.12 -17.06 18.28
N GLY B 257 -8.04 -18.00 18.44
CA GLY B 257 -8.95 -17.98 19.56
C GLY B 257 -10.35 -17.52 19.25
N VAL B 258 -10.60 -17.01 18.04
CA VAL B 258 -11.94 -16.68 17.57
C VAL B 258 -12.04 -17.07 16.11
N GLU B 259 -13.24 -17.46 15.70
CA GLU B 259 -13.53 -17.80 14.32
C GLU B 259 -14.25 -16.64 13.65
N LEU B 260 -13.83 -16.32 12.44
CA LEU B 260 -14.50 -15.29 11.66
C LEU B 260 -15.89 -15.76 11.29
N THR B 261 -16.91 -15.11 11.84
CA THR B 261 -18.28 -15.41 11.50
C THR B 261 -18.81 -14.38 10.52
N MET B 262 -19.97 -14.69 9.93
CA MET B 262 -20.61 -13.75 9.03
C MET B 262 -21.04 -12.50 9.77
N GLU B 263 -21.47 -12.64 11.03
CA GLU B 263 -21.86 -11.47 11.80
C GLU B 263 -20.71 -10.51 11.99
N ASP B 264 -19.48 -11.01 12.04
CA ASP B 264 -18.33 -10.13 12.16
C ASP B 264 -18.22 -9.21 10.95
N VAL B 265 -18.38 -9.77 9.75
CA VAL B 265 -18.33 -8.96 8.54
C VAL B 265 -19.47 -7.95 8.54
N ALA B 266 -20.67 -8.40 8.89
CA ALA B 266 -21.82 -7.51 8.95
C ALA B 266 -21.57 -6.34 9.88
N ASN B 267 -20.95 -6.58 11.05
CA ASN B 267 -20.68 -5.49 11.96
C ASN B 267 -19.82 -4.42 11.31
N ALA B 268 -18.86 -4.83 10.46
CA ALA B 268 -18.03 -3.85 9.77
C ALA B 268 -18.86 -2.98 8.85
N VAL B 269 -19.81 -3.59 8.15
CA VAL B 269 -20.68 -2.83 7.25
C VAL B 269 -21.54 -1.86 8.04
N VAL B 270 -22.14 -2.34 9.13
CA VAL B 270 -22.97 -1.48 9.97
C VAL B 270 -22.18 -0.26 10.39
N PHE B 271 -20.92 -0.46 10.77
CA PHE B 271 -20.07 0.67 11.13
C PHE B 271 -19.98 1.67 9.97
N LEU B 272 -19.64 1.21 8.78
CA LEU B 272 -19.45 2.12 7.66
C LEU B 272 -20.76 2.71 7.16
N ALA B 273 -21.88 2.11 7.53
CA ALA B 273 -23.18 2.64 7.14
C ALA B 273 -23.66 3.75 8.06
N SER B 274 -23.16 3.83 9.28
CA SER B 274 -23.69 4.73 10.28
C SER B 274 -22.93 6.06 10.28
N ASP B 275 -23.40 6.97 11.12
CA ASP B 275 -22.74 8.26 11.30
C ASP B 275 -21.47 8.18 12.14
N GLU B 276 -21.11 7.00 12.64
CA GLU B 276 -19.81 6.80 13.26
C GLU B 276 -18.70 6.64 12.22
N ALA B 277 -19.04 6.43 10.96
CA ALA B 277 -18.10 6.46 9.85
C ALA B 277 -18.33 7.69 8.99
N ARG B 278 -18.90 8.75 9.59
N ARG B 278 -18.90 8.74 9.59
CA ARG B 278 -19.31 9.94 8.87
CA ARG B 278 -19.30 9.95 8.90
C ARG B 278 -18.18 10.56 8.05
C ARG B 278 -18.19 10.55 8.06
N TYR B 279 -16.94 10.40 8.49
CA TYR B 279 -15.80 10.93 7.76
C TYR B 279 -14.88 9.82 7.26
N VAL B 280 -15.41 8.62 7.06
CA VAL B 280 -14.63 7.53 6.52
C VAL B 280 -15.01 7.35 5.06
N SER B 281 -14.02 7.39 4.18
CA SER B 281 -14.27 7.16 2.77
C SER B 281 -12.98 6.69 2.10
N GLY B 282 -13.15 5.97 0.99
CA GLY B 282 -12.03 5.43 0.25
C GLY B 282 -11.23 4.42 1.03
N MET B 283 -11.88 3.70 1.94
CA MET B 283 -11.21 2.84 2.89
C MET B 283 -11.51 1.38 2.58
N ASN B 284 -10.48 0.56 2.66
CA ASN B 284 -10.61 -0.89 2.52
C ASN B 284 -10.51 -1.47 3.93
N LEU B 285 -11.66 -1.69 4.55
CA LEU B 285 -11.68 -2.13 5.94
C LEU B 285 -11.47 -3.64 5.97
N MET B 286 -10.28 -4.06 6.40
CA MET B 286 -9.97 -5.47 6.45
C MET B 286 -10.59 -6.10 7.69
N VAL B 287 -11.23 -7.24 7.50
CA VAL B 287 -11.77 -8.02 8.61
C VAL B 287 -11.01 -9.34 8.62
N ASP B 288 -9.71 -9.28 8.37
CA ASP B 288 -8.89 -10.46 8.22
C ASP B 288 -8.07 -10.79 9.46
N GLY B 289 -8.33 -10.15 10.59
CA GLY B 289 -7.61 -10.44 11.80
C GLY B 289 -6.12 -10.22 11.71
N GLY B 290 -5.68 -9.40 10.77
CA GLY B 290 -4.27 -9.19 10.54
C GLY B 290 -3.63 -10.11 9.54
N PHE B 291 -4.42 -10.85 8.77
CA PHE B 291 -3.85 -11.85 7.87
C PHE B 291 -3.02 -11.23 6.77
N THR B 292 -3.47 -10.10 6.21
CA THR B 292 -2.77 -9.51 5.08
C THR B 292 -1.61 -8.62 5.51
N SER B 293 -1.69 -8.01 6.68
CA SER B 293 -0.62 -7.15 7.15
C SER B 293 0.56 -7.91 7.71
N THR B 294 0.49 -9.23 7.81
CA THR B 294 1.57 -10.03 8.37
C THR B 294 1.90 -11.19 7.44
N ASN B 295 3.02 -11.84 7.74
CA ASN B 295 3.45 -13.03 7.00
C ASN B 295 4.29 -13.87 7.94
N HIS B 296 3.79 -15.05 8.32
CA HIS B 296 4.46 -15.93 9.25
C HIS B 296 5.27 -17.01 8.57
N ALA B 297 5.77 -16.74 7.36
CA ALA B 297 6.51 -17.76 6.62
C ALA B 297 7.90 -17.99 7.17
N LEU B 298 8.49 -17.00 7.83
CA LEU B 298 9.82 -17.14 8.40
C LEU B 298 9.79 -17.63 9.85
N GLN B 299 8.60 -17.84 10.41
CA GLN B 299 8.45 -18.41 11.75
C GLN B 299 9.16 -17.56 12.81
N VAL B 300 9.06 -16.24 12.67
CA VAL B 300 9.59 -15.36 13.71
C VAL B 300 8.73 -15.46 14.97
N PHE B 301 7.41 -15.43 14.80
CA PHE B 301 6.50 -15.42 15.93
C PHE B 301 5.59 -16.64 16.00
N ARG B 302 5.40 -17.35 14.91
CA ARG B 302 4.67 -18.61 14.97
C ARG B 302 5.65 -19.77 14.79
N PRO B 303 5.41 -20.91 15.44
CA PRO B 303 6.28 -22.07 15.23
C PRO B 303 6.05 -22.72 13.86
N LEU C 34 29.12 1.85 -25.97
CA LEU C 34 28.28 2.42 -24.92
C LEU C 34 29.08 2.76 -23.67
N PRO C 35 28.92 3.98 -23.18
CA PRO C 35 29.70 4.42 -22.02
C PRO C 35 29.24 3.70 -20.75
N LEU C 36 30.09 3.78 -19.73
CA LEU C 36 29.74 3.21 -18.44
C LEU C 36 28.59 3.98 -17.81
N ARG C 37 27.73 3.27 -17.10
CA ARG C 37 26.44 3.82 -16.69
C ARG C 37 26.58 4.91 -15.63
N LEU C 38 27.71 4.98 -14.94
CA LEU C 38 27.88 5.97 -13.88
C LEU C 38 29.16 6.76 -14.04
N LEU C 39 29.58 6.98 -15.28
CA LEU C 39 30.88 7.60 -15.52
C LEU C 39 30.91 9.03 -15.00
N GLY C 40 31.94 9.36 -14.22
CA GLY C 40 32.12 10.68 -13.68
C GLY C 40 31.29 11.00 -12.45
N ARG C 41 30.40 10.11 -12.04
N ARG C 41 30.39 10.11 -12.04
CA ARG C 41 29.54 10.31 -10.90
CA ARG C 41 29.54 10.37 -10.89
C ARG C 41 30.29 10.05 -9.59
C ARG C 41 30.27 10.04 -9.60
N VAL C 42 30.04 10.87 -8.58
CA VAL C 42 30.65 10.69 -7.27
C VAL C 42 29.62 10.13 -6.30
N ALA C 43 30.00 9.08 -5.58
CA ALA C 43 29.10 8.38 -4.68
C ALA C 43 29.72 8.22 -3.31
N LEU C 44 28.89 8.35 -2.28
CA LEU C 44 29.24 8.08 -0.90
C LEU C 44 28.42 6.90 -0.42
N VAL C 45 29.07 5.92 0.19
CA VAL C 45 28.41 4.70 0.62
C VAL C 45 28.70 4.49 2.10
N THR C 46 27.68 4.57 2.93
CA THR C 46 27.84 4.37 4.36
C THR C 46 27.66 2.90 4.69
N GLY C 47 28.64 2.32 5.36
CA GLY C 47 28.63 0.90 5.61
C GLY C 47 29.14 0.07 4.45
N GLY C 48 29.97 0.64 3.59
CA GLY C 48 30.45 -0.03 2.42
C GLY C 48 31.64 -0.94 2.60
N SER C 49 32.06 -1.22 3.83
CA SER C 49 33.22 -2.08 4.01
C SER C 49 32.87 -3.56 3.91
N SER C 50 31.63 -3.93 4.18
CA SER C 50 31.28 -5.34 4.24
C SER C 50 29.81 -5.52 3.95
N GLY C 51 29.47 -6.69 3.44
CA GLY C 51 28.09 -7.03 3.20
C GLY C 51 27.56 -6.45 1.91
N ILE C 52 26.34 -5.92 1.95
CA ILE C 52 25.75 -5.35 0.75
C ILE C 52 26.52 -4.12 0.32
N GLY C 53 27.01 -3.33 1.28
CA GLY C 53 27.72 -2.12 0.93
C GLY C 53 28.99 -2.39 0.15
N GLU C 54 29.69 -3.48 0.49
CA GLU C 54 30.88 -3.85 -0.26
C GLU C 54 30.53 -4.14 -1.71
N SER C 55 29.42 -4.82 -1.93
N SER C 55 29.42 -4.83 -1.93
CA SER C 55 29.01 -5.11 -3.30
CA SER C 55 28.97 -5.12 -3.28
C SER C 55 28.60 -3.85 -4.04
C SER C 55 28.61 -3.84 -4.03
N ILE C 56 27.86 -2.96 -3.38
CA ILE C 56 27.49 -1.69 -4.01
C ILE C 56 28.74 -0.93 -4.44
N VAL C 57 29.74 -0.89 -3.58
CA VAL C 57 30.97 -0.18 -3.89
C VAL C 57 31.65 -0.82 -5.09
N LEU C 58 31.75 -2.15 -5.09
N LEU C 58 31.74 -2.16 -5.09
CA LEU C 58 32.41 -2.84 -6.18
CA LEU C 58 32.41 -2.84 -6.18
C LEU C 58 31.67 -2.63 -7.50
C LEU C 58 31.68 -2.65 -7.50
N LEU C 59 30.35 -2.70 -7.47
CA LEU C 59 29.57 -2.52 -8.69
C LEU C 59 29.67 -1.08 -9.19
N PHE C 60 29.53 -0.11 -8.30
CA PHE C 60 29.68 1.29 -8.67
C PHE C 60 30.99 1.53 -9.40
N ARG C 61 32.08 0.92 -8.93
N ARG C 61 32.08 0.93 -8.89
CA ARG C 61 33.37 1.13 -9.56
CA ARG C 61 33.39 1.08 -9.51
C ARG C 61 33.43 0.50 -10.94
C ARG C 61 33.40 0.51 -10.92
N LYS C 62 32.80 -0.66 -11.11
CA LYS C 62 32.78 -1.29 -12.42
C LYS C 62 32.07 -0.42 -13.45
N HIS C 63 31.11 0.39 -13.02
CA HIS C 63 30.36 1.23 -13.93
C HIS C 63 30.89 2.67 -13.99
N GLY C 64 32.12 2.88 -13.56
CA GLY C 64 32.81 4.13 -13.76
C GLY C 64 32.69 5.17 -12.67
N ALA C 65 32.11 4.82 -11.52
CA ALA C 65 31.88 5.81 -10.49
C ALA C 65 33.11 6.00 -9.63
N LYS C 66 33.20 7.17 -9.02
CA LYS C 66 34.14 7.41 -7.93
C LYS C 66 33.39 7.23 -6.62
N VAL C 67 33.97 6.49 -5.69
CA VAL C 67 33.25 6.03 -4.51
C VAL C 67 34.05 6.38 -3.26
N CYS C 68 33.36 6.87 -2.25
CA CYS C 68 33.92 7.06 -0.92
C CYS C 68 33.16 6.20 0.06
N ILE C 69 33.89 5.41 0.83
CA ILE C 69 33.32 4.54 1.84
C ILE C 69 33.38 5.26 3.17
N ALA C 70 32.26 5.30 3.89
CA ALA C 70 32.20 5.78 5.25
C ALA C 70 31.79 4.62 6.15
N ASP C 71 32.71 4.20 7.01
CA ASP C 71 32.47 3.05 7.87
C ASP C 71 33.34 3.13 9.10
N VAL C 72 32.98 2.35 10.11
CA VAL C 72 33.69 2.35 11.39
C VAL C 72 34.95 1.50 11.30
N GLN C 73 35.74 1.54 12.38
CA GLN C 73 36.91 0.66 12.53
C GLN C 73 37.94 0.88 11.44
N ASP C 74 38.62 2.04 11.49
CA ASP C 74 39.69 2.35 10.54
C ASP C 74 40.62 1.17 10.31
N ASN C 75 40.93 0.41 11.38
CA ASN C 75 41.80 -0.75 11.24
C ASN C 75 41.26 -1.75 10.24
N GLN C 76 39.94 -1.84 10.10
CA GLN C 76 39.31 -2.66 9.07
C GLN C 76 38.79 -1.85 7.88
N GLY C 77 38.38 -0.61 8.10
CA GLY C 77 37.87 0.19 7.01
C GLY C 77 38.88 0.43 5.90
N GLN C 78 40.16 0.57 6.26
CA GLN C 78 41.20 0.65 5.25
C GLN C 78 41.77 -0.71 4.87
N ARG C 79 41.77 -1.67 5.81
CA ARG C 79 42.31 -2.99 5.53
C ARG C 79 41.59 -3.64 4.36
N LEU C 80 40.25 -3.58 4.36
CA LEU C 80 39.50 -4.02 3.19
C LEU C 80 39.78 -3.11 2.00
N CYS C 81 39.95 -1.82 2.24
CA CYS C 81 40.31 -0.89 1.18
C CYS C 81 41.70 -1.18 0.61
N GLU C 82 42.50 -1.99 1.30
CA GLU C 82 43.77 -2.46 0.74
C GLU C 82 43.57 -3.64 -0.20
N THR C 83 42.60 -4.51 0.10
CA THR C 83 42.32 -5.65 -0.77
C THR C 83 41.81 -5.17 -2.13
N LEU C 84 40.94 -4.15 -2.13
CA LEU C 84 40.48 -3.57 -3.39
C LEU C 84 41.62 -2.89 -4.13
N GLY C 85 42.57 -2.31 -3.41
CA GLY C 85 43.69 -1.62 -3.99
C GLY C 85 43.71 -0.14 -3.62
N GLY C 86 44.87 0.47 -3.87
CA GLY C 86 45.04 1.88 -3.64
C GLY C 86 44.78 2.74 -4.86
N SER C 87 43.56 2.68 -5.38
CA SER C 87 43.24 3.44 -6.59
C SER C 87 42.98 4.90 -6.26
N SER C 88 43.03 5.73 -7.29
CA SER C 88 42.73 7.15 -7.17
C SER C 88 41.26 7.48 -7.41
N ASP C 89 40.40 6.47 -7.41
CA ASP C 89 38.96 6.67 -7.55
C ASP C 89 38.18 6.01 -6.43
N ILE C 90 38.83 5.69 -5.31
CA ILE C 90 38.18 5.15 -4.13
C ILE C 90 38.88 5.72 -2.91
N ALA C 91 38.11 5.99 -1.85
CA ALA C 91 38.66 6.62 -0.66
C ALA C 91 37.83 6.22 0.54
N PHE C 92 38.45 6.32 1.72
CA PHE C 92 37.82 5.88 2.95
C PHE C 92 37.82 7.01 3.97
N CYS C 93 36.67 7.23 4.60
CA CYS C 93 36.55 8.18 5.69
C CYS C 93 35.90 7.46 6.87
N HIS C 94 36.46 7.62 8.06
CA HIS C 94 35.91 7.02 9.26
C HIS C 94 34.69 7.80 9.72
N CYS C 95 33.58 7.11 9.94
CA CYS C 95 32.32 7.80 10.19
C CYS C 95 31.38 6.91 11.00
N ASP C 96 31.03 7.34 12.21
CA ASP C 96 29.93 6.76 12.96
C ASP C 96 28.65 7.45 12.49
N VAL C 97 27.80 6.70 11.80
CA VAL C 97 26.58 7.25 11.22
C VAL C 97 25.60 7.74 12.28
N THR C 98 25.80 7.38 13.55
CA THR C 98 24.96 7.92 14.61
C THR C 98 25.42 9.29 15.08
N ILE C 99 26.55 9.80 14.59
CA ILE C 99 27.07 11.10 14.95
C ILE C 99 26.94 12.02 13.75
N GLU C 100 26.20 13.11 13.91
CA GLU C 100 25.96 14.02 12.78
C GLU C 100 27.26 14.62 12.28
N ASP C 101 28.17 14.99 13.20
CA ASP C 101 29.40 15.62 12.77
C ASP C 101 30.30 14.64 12.01
N ASP C 102 30.18 13.34 12.28
CA ASP C 102 30.92 12.36 11.51
C ASP C 102 30.43 12.30 10.07
N VAL C 103 29.11 12.15 9.88
CA VAL C 103 28.56 12.11 8.54
C VAL C 103 28.86 13.40 7.81
N LYS C 104 28.83 14.52 8.53
N LYS C 104 28.83 14.52 8.53
CA LYS C 104 29.18 15.79 7.95
CA LYS C 104 29.18 15.80 7.94
C LYS C 104 30.60 15.77 7.39
C LYS C 104 30.59 15.78 7.39
N ARG C 105 31.55 15.23 8.15
N ARG C 105 31.55 15.25 8.16
CA ARG C 105 32.92 15.18 7.67
CA ARG C 105 32.91 15.18 7.67
C ARG C 105 33.07 14.22 6.50
C ARG C 105 33.03 14.26 6.46
N ALA C 106 32.25 13.17 6.43
CA ALA C 106 32.26 12.29 5.28
C ALA C 106 31.90 13.03 4.01
N VAL C 107 30.78 13.75 4.02
CA VAL C 107 30.36 14.49 2.84
C VAL C 107 31.36 15.56 2.49
N ASP C 108 31.85 16.29 3.49
CA ASP C 108 32.84 17.32 3.21
C ASP C 108 34.13 16.72 2.68
N PHE C 109 34.47 15.51 3.13
CA PHE C 109 35.66 14.84 2.64
C PHE C 109 35.49 14.40 1.20
N THR C 110 34.36 13.77 0.89
CA THR C 110 34.10 13.25 -0.46
C THR C 110 34.18 14.36 -1.49
N VAL C 111 33.56 15.50 -1.19
N VAL C 111 33.56 15.51 -1.20
CA VAL C 111 33.51 16.63 -2.10
CA VAL C 111 33.55 16.57 -2.19
C VAL C 111 34.89 17.24 -2.28
C VAL C 111 34.90 17.26 -2.28
N ASP C 112 35.73 17.21 -1.24
CA ASP C 112 37.09 17.69 -1.38
C ASP C 112 37.97 16.72 -2.17
N LYS C 113 37.61 15.44 -2.19
CA LYS C 113 38.36 14.45 -2.96
C LYS C 113 37.97 14.51 -4.43
N PHE C 114 36.68 14.37 -4.73
CA PHE C 114 36.23 14.14 -6.09
C PHE C 114 35.44 15.28 -6.69
N GLY C 115 35.19 16.36 -5.93
CA GLY C 115 34.66 17.58 -6.48
C GLY C 115 33.18 17.80 -6.32
N THR C 116 32.40 16.75 -6.03
CA THR C 116 30.98 16.91 -5.84
C THR C 116 30.45 15.66 -5.15
N LEU C 117 29.13 15.59 -5.02
CA LEU C 117 28.45 14.41 -4.47
C LEU C 117 27.16 14.21 -5.26
N ASP C 118 27.12 13.15 -6.05
CA ASP C 118 25.96 12.83 -6.89
C ASP C 118 25.12 11.69 -6.36
N ILE C 119 25.70 10.73 -5.65
CA ILE C 119 24.98 9.57 -5.16
C ILE C 119 25.28 9.40 -3.68
N MET C 120 24.25 9.19 -2.89
CA MET C 120 24.38 8.94 -1.47
C MET C 120 23.67 7.64 -1.15
N VAL C 121 24.40 6.67 -0.60
CA VAL C 121 23.83 5.38 -0.28
C VAL C 121 23.90 5.18 1.24
N ASN C 122 22.74 5.01 1.87
CA ASN C 122 22.64 4.78 3.31
C ASN C 122 22.49 3.29 3.53
N ASN C 123 23.61 2.61 3.70
CA ASN C 123 23.57 1.16 3.90
C ASN C 123 23.76 0.75 5.35
N ALA C 124 24.21 1.65 6.22
CA ALA C 124 24.37 1.31 7.62
C ALA C 124 23.03 0.86 8.20
N GLY C 125 22.99 -0.36 8.69
CA GLY C 125 21.75 -0.90 9.22
C GLY C 125 21.99 -2.15 10.04
N VAL C 126 21.23 -2.29 11.12
CA VAL C 126 21.33 -3.44 12.01
C VAL C 126 19.91 -3.93 12.30
N SER C 127 19.83 -5.08 12.96
CA SER C 127 18.55 -5.72 13.21
C SER C 127 18.23 -5.92 14.68
N GLY C 128 19.22 -6.16 15.52
CA GLY C 128 18.95 -6.45 16.91
C GLY C 128 18.77 -7.94 17.12
N PRO C 129 18.86 -8.40 18.36
CA PRO C 129 18.68 -9.82 18.62
C PRO C 129 17.23 -10.21 18.41
N PRO C 130 16.98 -11.47 18.05
CA PRO C 130 15.60 -11.95 18.01
C PRO C 130 14.98 -11.89 19.40
N CYS C 131 13.71 -11.49 19.45
CA CYS C 131 12.97 -11.44 20.71
C CYS C 131 11.60 -12.02 20.45
N PRO C 132 11.31 -13.24 20.91
CA PRO C 132 10.03 -13.85 20.59
C PRO C 132 8.87 -13.34 21.45
N ASP C 133 9.14 -12.71 22.58
CA ASP C 133 8.09 -12.21 23.47
C ASP C 133 8.35 -10.74 23.74
N ILE C 134 7.37 -9.90 23.40
CA ILE C 134 7.49 -8.46 23.59
C ILE C 134 7.71 -8.12 25.05
N ARG C 135 7.25 -8.97 25.96
CA ARG C 135 7.42 -8.67 27.38
C ARG C 135 8.86 -8.73 27.83
N ASP C 136 9.76 -9.25 27.00
CA ASP C 136 11.18 -9.31 27.30
C ASP C 136 11.99 -8.36 26.44
N PHE C 137 11.35 -7.51 25.66
CA PHE C 137 12.05 -6.59 24.76
C PHE C 137 12.57 -5.40 25.56
N GLU C 138 13.90 -5.27 25.63
CA GLU C 138 14.52 -4.17 26.35
C GLU C 138 14.49 -2.89 25.53
N LEU C 139 14.23 -1.77 26.20
CA LEU C 139 14.13 -0.50 25.50
C LEU C 139 15.50 0.00 25.05
N SER C 140 16.56 -0.36 25.77
CA SER C 140 17.91 -0.04 25.31
C SER C 140 18.19 -0.66 23.96
N ALA C 141 17.83 -1.94 23.80
CA ALA C 141 17.97 -2.57 22.49
C ALA C 141 17.12 -1.85 21.45
N PHE C 142 15.91 -1.48 21.84
CA PHE C 142 15.02 -0.72 20.96
C PHE C 142 15.67 0.60 20.54
N ASP C 143 16.20 1.34 21.52
CA ASP C 143 16.79 2.65 21.22
C ASP C 143 17.94 2.54 20.23
N ARG C 144 18.77 1.51 20.39
CA ARG C 144 19.95 1.38 19.55
C ARG C 144 19.58 1.16 18.08
N VAL C 145 18.55 0.38 17.82
CA VAL C 145 18.20 0.07 16.44
C VAL C 145 17.66 1.30 15.72
N PHE C 146 16.83 2.09 16.40
CA PHE C 146 16.31 3.30 15.77
C PHE C 146 17.39 4.35 15.59
N ASP C 147 18.37 4.39 16.50
CA ASP C 147 19.48 5.33 16.36
C ASP C 147 20.24 5.07 15.07
N ILE C 148 20.53 3.80 14.78
CA ILE C 148 21.32 3.47 13.61
C ILE C 148 20.47 3.47 12.35
N ASN C 149 19.30 2.83 12.42
CA ASN C 149 18.53 2.58 11.21
C ASN C 149 17.81 3.83 10.72
N VAL C 150 17.28 4.64 11.64
CA VAL C 150 16.47 5.79 11.27
C VAL C 150 17.25 7.08 11.38
N ARG C 151 17.84 7.34 12.55
CA ARG C 151 18.58 8.57 12.76
C ARG C 151 19.78 8.63 11.83
N GLY C 152 20.47 7.51 11.64
CA GLY C 152 21.59 7.48 10.72
C GLY C 152 21.19 7.79 9.29
N VAL C 153 20.03 7.28 8.87
CA VAL C 153 19.57 7.52 7.50
C VAL C 153 19.16 8.97 7.32
N PHE C 154 18.48 9.55 8.31
CA PHE C 154 18.06 10.94 8.18
C PHE C 154 19.26 11.88 8.10
N ILE C 155 20.27 11.64 8.92
CA ILE C 155 21.48 12.44 8.89
C ILE C 155 22.14 12.36 7.51
N GLY C 156 22.15 11.17 6.93
CA GLY C 156 22.70 11.03 5.59
C GLY C 156 21.94 11.85 4.57
N MET C 157 20.61 11.78 4.60
CA MET C 157 19.80 12.62 3.73
C MET C 157 20.09 14.09 3.98
N LYS C 158 20.18 14.50 5.25
CA LYS C 158 20.30 15.91 5.56
C LYS C 158 21.58 16.51 4.99
N HIS C 159 22.69 15.79 5.08
CA HIS C 159 23.96 16.35 4.63
C HIS C 159 24.23 16.10 3.15
N ALA C 160 23.69 15.03 2.58
CA ALA C 160 23.67 14.93 1.12
C ALA C 160 22.88 16.08 0.52
N ALA C 161 21.77 16.46 1.16
CA ALA C 161 20.96 17.57 0.68
C ALA C 161 21.73 18.87 0.65
N ARG C 162 22.66 19.03 1.59
CA ARG C 162 23.44 20.26 1.69
C ARG C 162 24.31 20.47 0.46
N ILE C 163 24.65 19.40 -0.24
CA ILE C 163 25.43 19.48 -1.47
C ILE C 163 24.54 19.46 -2.69
N MET C 164 23.57 18.56 -2.71
CA MET C 164 22.82 18.28 -3.93
C MET C 164 21.83 19.38 -4.28
N ILE C 165 21.32 20.12 -3.30
CA ILE C 165 20.35 21.17 -3.55
C ILE C 165 20.95 22.29 -4.39
N PRO C 166 22.13 22.84 -4.07
CA PRO C 166 22.71 23.86 -4.96
C PRO C 166 23.15 23.33 -6.31
N ALA C 167 23.42 22.03 -6.44
CA ALA C 167 23.75 21.46 -7.73
C ALA C 167 22.52 21.16 -8.55
N LYS C 168 21.35 21.06 -7.91
N LYS C 168 21.36 21.06 -7.90
CA LYS C 168 20.08 20.77 -8.55
CA LYS C 168 20.08 20.75 -8.52
C LYS C 168 20.05 19.35 -9.15
C LYS C 168 20.05 19.36 -9.14
N LYS C 169 20.83 18.43 -8.59
CA LYS C 169 20.85 17.08 -9.10
C LYS C 169 21.35 16.13 -8.02
N GLY C 170 20.86 14.91 -8.05
CA GLY C 170 21.40 13.89 -7.18
C GLY C 170 20.43 12.75 -6.99
N SER C 171 20.92 11.73 -6.30
CA SER C 171 20.17 10.49 -6.11
C SER C 171 20.52 9.94 -4.74
N ILE C 172 19.53 9.83 -3.87
CA ILE C 172 19.70 9.31 -2.52
C ILE C 172 19.03 7.95 -2.43
N ILE C 173 19.78 6.94 -1.99
CA ILE C 173 19.28 5.57 -1.93
C ILE C 173 19.52 5.00 -0.54
N SER C 174 18.47 4.48 0.08
CA SER C 174 18.56 3.82 1.38
C SER C 174 18.24 2.34 1.26
N ILE C 175 18.96 1.52 2.00
CA ILE C 175 18.76 0.07 1.98
C ILE C 175 17.83 -0.29 3.14
N SER C 176 16.58 -0.53 2.79
CA SER C 176 15.55 -1.00 3.71
C SER C 176 15.53 -2.53 3.67
N SER C 177 14.45 -3.20 4.03
CA SER C 177 14.28 -4.62 3.79
C SER C 177 12.80 -4.88 3.63
N VAL C 178 12.44 -6.15 3.42
CA VAL C 178 11.04 -6.52 3.27
C VAL C 178 10.23 -6.15 4.50
N ALA C 179 10.89 -5.99 5.65
CA ALA C 179 10.22 -5.54 6.85
C ALA C 179 9.72 -4.11 6.75
N SER C 180 10.04 -3.39 5.66
CA SER C 180 9.49 -2.06 5.47
C SER C 180 8.03 -2.07 5.06
N THR C 181 7.52 -3.20 4.56
CA THR C 181 6.15 -3.27 4.08
C THR C 181 5.26 -4.24 4.84
N MET C 182 5.83 -5.20 5.57
CA MET C 182 5.01 -6.23 6.20
C MET C 182 5.53 -6.55 7.59
N GLY C 183 4.60 -6.83 8.51
CA GLY C 183 4.97 -7.26 9.84
C GLY C 183 5.20 -8.76 9.93
N GLY C 184 5.90 -9.16 10.99
CA GLY C 184 6.20 -10.55 11.23
C GLY C 184 7.48 -11.06 10.60
N LEU C 185 8.17 -10.24 9.81
CA LEU C 185 9.37 -10.69 9.13
C LEU C 185 10.63 -10.41 9.92
N GLY C 186 10.50 -9.93 11.16
CA GLY C 186 11.63 -9.59 11.96
C GLY C 186 11.21 -8.99 13.29
N PRO C 187 12.20 -8.61 14.11
CA PRO C 187 11.90 -8.07 15.42
C PRO C 187 11.16 -6.75 15.33
N HIS C 188 10.60 -6.35 16.47
CA HIS C 188 9.76 -5.16 16.50
C HIS C 188 10.54 -3.90 16.16
N ALA C 189 11.67 -3.68 16.82
CA ALA C 189 12.45 -2.47 16.55
C ALA C 189 12.93 -2.43 15.11
N TYR C 190 13.32 -3.59 14.58
CA TYR C 190 13.75 -3.67 13.19
C TYR C 190 12.60 -3.31 12.25
N THR C 191 11.44 -3.93 12.45
CA THR C 191 10.32 -3.69 11.56
C THR C 191 9.86 -2.25 11.63
N GLY C 192 9.80 -1.69 12.83
CA GLY C 192 9.42 -0.30 12.97
C GLY C 192 10.38 0.65 12.27
N SER C 193 11.67 0.41 12.42
CA SER C 193 12.66 1.29 11.81
C SER C 193 12.62 1.19 10.29
N LYS C 194 12.44 -0.02 9.76
CA LYS C 194 12.37 -0.17 8.31
C LYS C 194 11.14 0.52 7.74
N HIS C 195 10.04 0.50 8.48
CA HIS C 195 8.88 1.29 8.08
C HIS C 195 9.20 2.79 8.14
N ALA C 196 9.88 3.22 9.19
CA ALA C 196 10.21 4.63 9.33
C ALA C 196 11.07 5.10 8.16
N VAL C 197 11.96 4.25 7.67
CA VAL C 197 12.83 4.63 6.57
C VAL C 197 12.01 4.87 5.31
N LEU C 198 11.03 4.01 5.05
CA LEU C 198 10.15 4.25 3.91
C LEU C 198 9.40 5.57 4.05
N GLY C 199 8.90 5.86 5.25
CA GLY C 199 8.23 7.11 5.47
C GLY C 199 9.12 8.32 5.28
N LEU C 200 10.36 8.25 5.78
CA LEU C 200 11.31 9.32 5.52
C LEU C 200 11.60 9.45 4.03
N THR C 201 11.75 8.32 3.35
CA THR C 201 12.05 8.36 1.92
C THR C 201 10.96 9.11 1.17
N LYS C 202 9.69 8.80 1.45
N LYS C 202 9.70 8.81 1.46
CA LYS C 202 8.61 9.46 0.75
CA LYS C 202 8.61 9.46 0.74
C LYS C 202 8.52 10.93 1.10
C LYS C 202 8.50 10.93 1.11
N ASN C 203 8.69 11.26 2.38
CA ASN C 203 8.58 12.66 2.79
C ASN C 203 9.74 13.50 2.26
N VAL C 204 10.96 12.98 2.34
CA VAL C 204 12.09 13.74 1.82
C VAL C 204 12.03 13.82 0.31
N ALA C 205 11.53 12.78 -0.36
CA ALA C 205 11.27 12.85 -1.78
C ALA C 205 10.33 14.00 -2.10
N ALA C 206 9.35 14.25 -1.23
CA ALA C 206 8.44 15.36 -1.44
C ALA C 206 9.15 16.70 -1.35
N GLU C 207 10.05 16.86 -0.38
CA GLU C 207 10.74 18.14 -0.26
C GLU C 207 11.80 18.34 -1.34
N LEU C 208 12.53 17.30 -1.70
CA LEU C 208 13.65 17.48 -2.61
C LEU C 208 13.27 17.32 -4.08
N GLY C 209 12.03 16.94 -4.38
CA GLY C 209 11.61 16.87 -5.75
C GLY C 209 11.68 18.20 -6.47
N LYS C 210 11.41 19.29 -5.76
CA LYS C 210 11.43 20.61 -6.36
C LYS C 210 12.82 21.03 -6.78
N HIS C 211 13.86 20.32 -6.36
CA HIS C 211 15.23 20.62 -6.76
C HIS C 211 15.81 19.61 -7.75
N GLY C 212 15.07 18.59 -8.14
CA GLY C 212 15.58 17.60 -9.06
C GLY C 212 16.30 16.45 -8.41
N ILE C 213 16.09 16.22 -7.13
CA ILE C 213 16.78 15.21 -6.36
C ILE C 213 15.87 14.03 -6.16
N ARG C 214 16.37 12.84 -6.48
CA ARG C 214 15.59 11.61 -6.36
C ARG C 214 15.93 10.89 -5.07
N VAL C 215 14.91 10.47 -4.35
CA VAL C 215 15.04 9.73 -3.10
C VAL C 215 14.30 8.42 -3.27
N ASN C 216 14.99 7.31 -3.03
CA ASN C 216 14.39 5.99 -3.16
C ASN C 216 15.00 5.07 -2.12
N CYS C 217 14.38 3.91 -1.96
CA CYS C 217 14.90 2.91 -1.05
C CYS C 217 14.77 1.54 -1.67
N VAL C 218 15.65 0.63 -1.27
CA VAL C 218 15.72 -0.71 -1.80
C VAL C 218 15.49 -1.69 -0.66
N SER C 219 14.52 -2.58 -0.84
CA SER C 219 14.10 -3.48 0.23
C SER C 219 14.38 -4.92 -0.17
N PRO C 220 15.48 -5.52 0.29
CA PRO C 220 15.79 -6.89 -0.07
C PRO C 220 15.08 -7.93 0.79
N TYR C 221 14.96 -9.11 0.20
CA TYR C 221 14.64 -10.32 0.93
C TYR C 221 15.87 -10.77 1.71
N ALA C 222 15.68 -11.73 2.61
CA ALA C 222 16.79 -12.20 3.42
C ALA C 222 17.88 -12.78 2.54
N VAL C 223 19.12 -12.38 2.80
CA VAL C 223 20.25 -12.96 2.11
C VAL C 223 21.07 -13.80 3.08
N ASP C 240 27.30 -24.97 10.54
CA ASP C 240 26.55 -25.35 9.34
C ASP C 240 25.30 -24.51 9.20
N THR C 241 25.06 -23.65 10.21
CA THR C 241 23.84 -22.84 10.22
C THR C 241 23.76 -21.95 8.98
N TRP C 242 24.89 -21.68 8.33
CA TRP C 242 24.87 -21.00 7.04
C TRP C 242 24.01 -21.76 6.04
N ASP C 243 24.22 -23.07 5.93
CA ASP C 243 23.54 -23.84 4.90
C ASP C 243 22.08 -24.08 5.22
N ASP C 244 21.75 -24.26 6.50
CA ASP C 244 20.37 -24.50 6.91
C ASP C 244 19.52 -23.25 6.87
N PHE C 245 20.14 -22.08 7.05
CA PHE C 245 19.45 -20.83 6.78
C PHE C 245 19.23 -20.65 5.29
N ARG C 246 20.20 -21.10 4.49
CA ARG C 246 20.10 -20.99 3.04
C ARG C 246 18.90 -21.77 2.51
N ARG C 247 18.68 -22.99 3.02
CA ARG C 247 17.53 -23.77 2.56
C ARG C 247 16.23 -23.19 3.08
N PHE C 248 16.24 -22.58 4.27
CA PHE C 248 15.00 -22.11 4.87
C PHE C 248 14.44 -20.92 4.11
N VAL C 249 15.28 -19.92 3.79
CA VAL C 249 14.80 -18.78 3.05
C VAL C 249 14.41 -19.15 1.63
N ALA C 250 15.03 -20.17 1.06
CA ALA C 250 14.71 -20.59 -0.30
C ALA C 250 13.38 -21.33 -0.36
N ASP C 251 13.09 -22.14 0.66
CA ASP C 251 11.83 -22.87 0.69
C ASP C 251 10.65 -21.94 0.82
N ASN C 252 10.79 -20.87 1.59
CA ASN C 252 9.71 -19.92 1.79
C ASN C 252 9.74 -18.79 0.75
N ALA C 253 10.65 -18.85 -0.21
CA ALA C 253 10.69 -17.84 -1.26
C ALA C 253 9.58 -18.07 -2.27
N ASN C 254 9.05 -16.96 -2.79
CA ASN C 254 8.08 -17.06 -3.86
C ASN C 254 8.74 -17.52 -5.16
N LEU C 255 9.87 -16.90 -5.51
CA LEU C 255 10.58 -17.21 -6.74
C LEU C 255 11.60 -18.31 -6.46
N GLN C 256 11.40 -19.47 -7.04
CA GLN C 256 12.25 -20.63 -6.85
C GLN C 256 13.19 -20.80 -8.04
N GLY C 257 14.28 -21.52 -7.80
CA GLY C 257 15.28 -21.74 -8.83
C GLY C 257 16.32 -20.66 -8.94
N VAL C 258 16.36 -19.73 -7.99
CA VAL C 258 17.36 -18.67 -7.96
C VAL C 258 17.48 -18.21 -6.51
N GLU C 259 18.71 -17.92 -6.10
N GLU C 259 18.71 -17.91 -6.10
CA GLU C 259 18.99 -17.46 -4.74
CA GLU C 259 19.01 -17.46 -4.75
C GLU C 259 19.36 -15.99 -4.77
C GLU C 259 19.37 -15.98 -4.77
N LEU C 260 18.82 -15.23 -3.82
CA LEU C 260 19.12 -13.82 -3.72
C LEU C 260 20.57 -13.64 -3.29
N THR C 261 21.39 -13.11 -4.18
CA THR C 261 22.76 -12.78 -3.85
C THR C 261 22.89 -11.30 -3.55
N MET C 262 24.03 -10.93 -2.96
CA MET C 262 24.30 -9.53 -2.70
C MET C 262 24.40 -8.72 -3.98
N GLU C 263 24.94 -9.33 -5.04
CA GLU C 263 25.04 -8.63 -6.31
C GLU C 263 23.67 -8.28 -6.87
N ASP C 264 22.65 -9.08 -6.57
CA ASP C 264 21.30 -8.75 -7.01
C ASP C 264 20.82 -7.44 -6.41
N VAL C 265 21.04 -7.27 -5.10
CA VAL C 265 20.66 -6.03 -4.44
C VAL C 265 21.44 -4.86 -5.02
N ALA C 266 22.75 -5.04 -5.21
CA ALA C 266 23.57 -3.99 -5.78
C ALA C 266 23.05 -3.55 -7.14
N ASN C 267 22.64 -4.50 -7.97
CA ASN C 267 22.12 -4.13 -9.29
C ASN C 267 20.93 -3.20 -9.17
N ALA C 268 20.08 -3.40 -8.16
CA ALA C 268 18.94 -2.51 -7.97
C ALA C 268 19.40 -1.10 -7.64
N VAL C 269 20.43 -0.97 -6.82
CA VAL C 269 20.95 0.34 -6.48
C VAL C 269 21.54 1.01 -7.71
N VAL C 270 22.35 0.26 -8.47
CA VAL C 270 22.94 0.81 -9.68
C VAL C 270 21.86 1.38 -10.58
N PHE C 271 20.75 0.66 -10.70
CA PHE C 271 19.64 1.15 -11.49
C PHE C 271 19.16 2.51 -10.99
N LEU C 272 18.87 2.62 -9.69
CA LEU C 272 18.32 3.85 -9.15
C LEU C 272 19.36 4.97 -9.12
N ALA C 273 20.63 4.63 -9.23
CA ALA C 273 21.68 5.64 -9.26
C ALA C 273 21.89 6.26 -10.63
N SER C 274 21.48 5.57 -11.69
CA SER C 274 21.80 6.00 -13.04
C SER C 274 20.69 6.86 -13.64
N ASP C 275 20.93 7.37 -14.84
CA ASP C 275 19.93 8.14 -15.56
C ASP C 275 18.83 7.28 -16.14
N GLU C 276 18.94 5.96 -16.08
CA GLU C 276 17.83 5.09 -16.43
C GLU C 276 16.72 5.13 -15.41
N ALA C 277 16.92 5.81 -14.28
CA ALA C 277 15.89 6.02 -13.29
C ALA C 277 15.69 7.50 -13.03
N ARG C 278 15.98 8.34 -14.02
CA ARG C 278 15.99 9.78 -13.82
C ARG C 278 14.63 10.33 -13.44
N TYR C 279 13.55 9.57 -13.62
CA TYR C 279 12.24 9.97 -13.18
C TYR C 279 11.66 9.00 -12.16
N VAL C 280 12.51 8.28 -11.45
CA VAL C 280 12.06 7.40 -10.38
C VAL C 280 12.35 8.08 -9.05
N SER C 281 11.32 8.24 -8.23
CA SER C 281 11.51 8.79 -6.90
C SER C 281 10.35 8.36 -6.02
N GLY C 282 10.60 8.34 -4.72
CA GLY C 282 9.61 7.88 -3.78
C GLY C 282 9.30 6.41 -3.87
N MET C 283 10.19 5.63 -4.46
CA MET C 283 9.93 4.24 -4.78
C MET C 283 10.61 3.33 -3.77
N ASN C 284 9.88 2.31 -3.35
CA ASN C 284 10.43 1.23 -2.53
C ASN C 284 10.62 0.04 -3.44
N LEU C 285 11.81 -0.11 -3.97
CA LEU C 285 12.08 -1.15 -4.96
C LEU C 285 12.32 -2.46 -4.24
N MET C 286 11.36 -3.36 -4.31
CA MET C 286 11.48 -4.65 -3.64
C MET C 286 12.36 -5.59 -4.46
N VAL C 287 13.30 -6.24 -3.79
CA VAL C 287 14.13 -7.26 -4.43
C VAL C 287 13.80 -8.57 -3.73
N ASP C 288 12.53 -8.77 -3.40
CA ASP C 288 12.08 -9.91 -2.63
C ASP C 288 11.52 -11.04 -3.49
N GLY C 289 11.66 -10.95 -4.81
CA GLY C 289 11.17 -12.00 -5.69
C GLY C 289 9.68 -12.24 -5.56
N GLY C 290 8.92 -11.22 -5.17
CA GLY C 290 7.51 -11.37 -4.95
C GLY C 290 7.10 -11.83 -3.57
N PHE C 291 8.03 -11.86 -2.61
CA PHE C 291 7.71 -12.41 -1.30
C PHE C 291 6.63 -11.60 -0.59
N THR C 292 6.70 -10.28 -0.68
CA THR C 292 5.78 -9.45 0.09
C THR C 292 4.43 -9.26 -0.62
N SER C 293 4.42 -9.33 -1.94
CA SER C 293 3.17 -9.15 -2.68
C SER C 293 2.32 -10.41 -2.71
N THR C 294 2.79 -11.52 -2.16
CA THR C 294 2.04 -12.77 -2.17
C THR C 294 2.00 -13.37 -0.78
N ASN C 295 1.15 -14.38 -0.62
CA ASN C 295 1.04 -15.12 0.63
C ASN C 295 0.57 -16.53 0.28
N HIS C 296 1.43 -17.53 0.49
CA HIS C 296 1.12 -18.90 0.15
C HIS C 296 0.62 -19.71 1.34
N ALA C 297 -0.03 -19.04 2.30
CA ALA C 297 -0.48 -19.74 3.50
C ALA C 297 -1.70 -20.62 3.23
N LEU C 298 -2.49 -20.30 2.23
CA LEU C 298 -3.67 -21.09 1.89
C LEU C 298 -3.39 -22.18 0.88
N GLN C 299 -2.15 -22.29 0.40
CA GLN C 299 -1.73 -23.35 -0.50
C GLN C 299 -2.56 -23.38 -1.78
N VAL C 300 -2.88 -22.20 -2.31
CA VAL C 300 -3.55 -22.14 -3.60
C VAL C 300 -2.61 -22.56 -4.71
N PHE C 301 -1.37 -22.08 -4.68
CA PHE C 301 -0.40 -22.35 -5.73
C PHE C 301 0.83 -23.10 -5.27
N ARG C 302 1.12 -23.14 -3.98
CA ARG C 302 2.19 -23.96 -3.48
C ARG C 302 1.60 -25.11 -2.68
N PRO C 303 2.19 -26.31 -2.76
CA PRO C 303 1.69 -27.43 -1.95
C PRO C 303 2.03 -27.26 -0.47
N SER D 33 33.74 -3.82 -25.02
CA SER D 33 33.27 -3.51 -23.69
C SER D 33 32.30 -4.57 -23.18
N LEU D 34 31.51 -4.21 -22.17
CA LEU D 34 30.55 -5.14 -21.58
C LEU D 34 29.51 -5.57 -22.62
N PRO D 35 29.00 -6.80 -22.50
CA PRO D 35 28.03 -7.27 -23.48
C PRO D 35 26.70 -6.52 -23.36
N LEU D 36 25.90 -6.61 -24.41
CA LEU D 36 24.60 -5.98 -24.40
C LEU D 36 23.68 -6.65 -23.39
N ARG D 37 22.83 -5.86 -22.76
CA ARG D 37 22.11 -6.32 -21.58
C ARG D 37 21.05 -7.36 -21.89
N LEU D 38 20.62 -7.48 -23.15
CA LEU D 38 19.58 -8.42 -23.51
C LEU D 38 19.99 -9.30 -24.68
N LEU D 39 21.29 -9.58 -24.80
CA LEU D 39 21.78 -10.27 -25.97
C LEU D 39 21.20 -11.68 -26.06
N GLY D 40 20.64 -12.01 -27.22
CA GLY D 40 20.10 -13.33 -27.48
C GLY D 40 18.71 -13.58 -26.97
N ARG D 41 18.13 -12.64 -26.22
N ARG D 41 18.13 -12.63 -26.24
CA ARG D 41 16.81 -12.78 -25.65
CA ARG D 41 16.81 -12.79 -25.66
C ARG D 41 15.72 -12.45 -26.67
C ARG D 41 15.72 -12.45 -26.67
N VAL D 42 14.63 -13.20 -26.64
CA VAL D 42 13.51 -12.98 -27.55
C VAL D 42 12.37 -12.33 -26.78
N ALA D 43 11.81 -11.28 -27.38
CA ALA D 43 10.77 -10.48 -26.73
C ALA D 43 9.59 -10.30 -27.66
N LEU D 44 8.40 -10.35 -27.09
CA LEU D 44 7.16 -10.02 -27.78
C LEU D 44 6.57 -8.77 -27.14
N VAL D 45 6.18 -7.81 -27.96
CA VAL D 45 5.67 -6.53 -27.47
C VAL D 45 4.33 -6.27 -28.12
N THR D 46 3.28 -6.24 -27.31
CA THR D 46 1.94 -5.98 -27.81
C THR D 46 1.69 -4.48 -27.76
N GLY D 47 1.28 -3.91 -28.89
CA GLY D 47 1.15 -2.48 -29.00
C GLY D 47 2.43 -1.76 -29.32
N GLY D 48 3.42 -2.45 -29.88
CA GLY D 48 4.73 -1.87 -30.12
C GLY D 48 4.81 -0.94 -31.31
N SER D 49 3.75 -0.80 -32.10
CA SER D 49 3.85 0.01 -33.31
C SER D 49 3.99 1.49 -32.99
N SER D 50 3.44 1.94 -31.87
CA SER D 50 3.42 3.36 -31.60
C SER D 50 3.43 3.63 -30.10
N GLY D 51 3.83 4.85 -29.75
CA GLY D 51 3.76 5.28 -28.36
C GLY D 51 4.87 4.67 -27.52
N ILE D 52 4.51 4.24 -26.32
CA ILE D 52 5.49 3.67 -25.41
C ILE D 52 6.04 2.36 -25.98
N GLY D 53 5.19 1.57 -26.63
CA GLY D 53 5.64 0.32 -27.19
C GLY D 53 6.72 0.50 -28.23
N GLU D 54 6.62 1.55 -29.03
CA GLU D 54 7.65 1.84 -30.01
C GLU D 54 8.99 2.10 -29.33
N SER D 55 8.97 2.86 -28.23
CA SER D 55 10.18 3.09 -27.48
C SER D 55 10.75 1.79 -26.93
N ILE D 56 9.90 0.96 -26.33
CA ILE D 56 10.37 -0.31 -25.78
C ILE D 56 11.03 -1.14 -26.87
N VAL D 57 10.40 -1.22 -28.03
CA VAL D 57 10.94 -2.01 -29.12
C VAL D 57 12.30 -1.48 -29.55
N LEU D 58 12.40 -0.15 -29.69
N LEU D 58 12.40 -0.16 -29.70
CA LEU D 58 13.65 0.44 -30.11
CA LEU D 58 13.67 0.44 -30.11
C LEU D 58 14.75 0.24 -29.07
C LEU D 58 14.74 0.21 -29.07
N LEU D 59 14.41 0.37 -27.79
CA LEU D 59 15.41 0.18 -26.74
C LEU D 59 15.84 -1.29 -26.65
N PHE D 60 14.87 -2.20 -26.66
CA PHE D 60 15.18 -3.62 -26.64
C PHE D 60 16.17 -3.98 -27.74
N ARG D 61 15.97 -3.42 -28.92
N ARG D 61 15.97 -3.43 -28.93
CA ARG D 61 16.83 -3.71 -30.07
CA ARG D 61 16.87 -3.76 -30.03
C ARG D 61 18.22 -3.14 -29.86
C ARG D 61 18.26 -3.17 -29.81
N LYS D 62 18.33 -1.97 -29.23
CA LYS D 62 19.64 -1.39 -28.95
C LYS D 62 20.45 -2.25 -27.98
N HIS D 63 19.79 -3.02 -27.13
CA HIS D 63 20.47 -3.85 -26.14
C HIS D 63 20.58 -5.31 -26.58
N GLY D 64 20.41 -5.58 -27.87
CA GLY D 64 20.70 -6.87 -28.43
C GLY D 64 19.54 -7.84 -28.51
N ALA D 65 18.33 -7.41 -28.24
CA ALA D 65 17.21 -8.34 -28.21
C ALA D 65 16.65 -8.57 -29.60
N LYS D 66 16.01 -9.71 -29.77
CA LYS D 66 15.16 -9.96 -30.92
C LYS D 66 13.73 -9.68 -30.50
N VAL D 67 13.00 -8.93 -31.32
CA VAL D 67 11.71 -8.38 -30.92
C VAL D 67 10.67 -8.71 -31.98
N CYS D 68 9.49 -9.13 -31.52
CA CYS D 68 8.33 -9.28 -32.36
C CYS D 68 7.25 -8.32 -31.88
N ILE D 69 6.70 -7.56 -32.82
CA ILE D 69 5.64 -6.61 -32.53
C ILE D 69 4.32 -7.27 -32.88
N ALA D 70 3.39 -7.22 -31.93
CA ALA D 70 2.01 -7.65 -32.17
C ALA D 70 1.12 -6.43 -32.01
N ASP D 71 0.55 -5.97 -33.13
CA ASP D 71 -0.28 -4.78 -33.10
C ASP D 71 -1.34 -4.88 -34.19
N VAL D 72 -2.45 -4.19 -33.95
CA VAL D 72 -3.65 -4.23 -34.78
C VAL D 72 -3.48 -3.36 -36.01
N GLN D 73 -4.44 -3.42 -36.94
CA GLN D 73 -4.50 -2.50 -38.06
C GLN D 73 -3.24 -2.57 -38.91
N ASP D 74 -3.07 -3.68 -39.65
CA ASP D 74 -1.88 -3.91 -40.46
C ASP D 74 -1.46 -2.68 -41.27
N ASN D 75 -2.37 -1.74 -41.53
CA ASN D 75 -1.98 -0.47 -42.12
C ASN D 75 -0.99 0.26 -41.21
N GLN D 76 -1.36 0.44 -39.94
CA GLN D 76 -0.40 0.98 -38.97
C GLN D 76 0.68 -0.05 -38.64
N GLY D 77 0.32 -1.33 -38.68
CA GLY D 77 1.32 -2.37 -38.42
C GLY D 77 2.41 -2.42 -39.47
N GLN D 78 2.03 -2.27 -40.75
CA GLN D 78 3.04 -2.09 -41.79
C GLN D 78 3.68 -0.71 -41.71
N ARG D 79 2.98 0.27 -41.14
CA ARG D 79 3.53 1.62 -41.07
C ARG D 79 4.83 1.64 -40.28
N LEU D 80 4.86 1.01 -39.11
CA LEU D 80 6.13 0.88 -38.40
C LEU D 80 7.03 -0.15 -39.08
N CYS D 81 6.44 -1.18 -39.68
CA CYS D 81 7.23 -2.26 -40.27
C CYS D 81 8.24 -1.70 -41.27
N GLU D 82 7.78 -0.81 -42.16
CA GLU D 82 8.71 -0.11 -43.04
C GLU D 82 9.53 0.92 -42.27
N THR D 83 8.95 1.52 -41.24
CA THR D 83 9.61 2.63 -40.54
C THR D 83 10.96 2.21 -39.97
N LEU D 84 11.01 1.06 -39.29
CA LEU D 84 12.25 0.62 -38.68
C LEU D 84 13.24 0.08 -39.70
N GLY D 85 12.75 -0.46 -40.81
CA GLY D 85 13.60 -1.08 -41.82
C GLY D 85 13.20 -2.53 -42.06
N GLY D 86 14.20 -3.36 -42.35
CA GLY D 86 13.96 -4.74 -42.72
C GLY D 86 14.89 -5.73 -42.05
N SER D 87 15.30 -5.45 -40.82
CA SER D 87 16.28 -6.28 -40.15
C SER D 87 15.75 -7.70 -39.92
N SER D 88 16.69 -8.63 -39.79
CA SER D 88 16.38 -10.03 -39.54
C SER D 88 16.22 -10.34 -38.06
N ASP D 89 16.16 -9.33 -37.21
CA ASP D 89 15.92 -9.51 -35.77
C ASP D 89 14.70 -8.73 -35.30
N ILE D 90 13.79 -8.40 -36.20
CA ILE D 90 12.53 -7.78 -35.86
C ILE D 90 11.46 -8.32 -36.80
N ALA D 91 10.25 -8.48 -36.27
CA ALA D 91 9.18 -9.09 -37.05
C ALA D 91 7.84 -8.60 -36.53
N PHE D 92 6.84 -8.65 -37.40
CA PHE D 92 5.51 -8.14 -37.10
C PHE D 92 4.47 -9.22 -37.27
N CYS D 93 3.58 -9.33 -36.31
CA CYS D 93 2.43 -10.23 -36.40
C CYS D 93 1.19 -9.42 -36.07
N HIS D 94 0.14 -9.59 -36.89
CA HIS D 94 -1.12 -8.89 -36.65
C HIS D 94 -1.89 -9.58 -35.53
N CYS D 95 -2.31 -8.82 -34.53
CA CYS D 95 -2.90 -9.40 -33.33
C CYS D 95 -3.83 -8.42 -32.65
N ASP D 96 -5.10 -8.78 -32.54
CA ASP D 96 -6.03 -8.09 -31.67
C ASP D 96 -5.94 -8.76 -30.30
N VAL D 97 -5.41 -8.02 -29.32
CA VAL D 97 -5.19 -8.61 -27.99
C VAL D 97 -6.48 -8.93 -27.26
N THR D 98 -7.63 -8.52 -27.79
CA THR D 98 -8.90 -8.94 -27.21
C THR D 98 -9.34 -10.31 -27.71
N ILE D 99 -8.62 -10.90 -28.66
CA ILE D 99 -8.93 -12.21 -29.20
C ILE D 99 -7.84 -13.17 -28.74
N GLU D 100 -8.23 -14.21 -28.01
CA GLU D 100 -7.24 -15.15 -27.48
C GLU D 100 -6.48 -15.85 -28.61
N ASP D 101 -7.18 -16.21 -29.68
CA ASP D 101 -6.52 -16.93 -30.76
C ASP D 101 -5.51 -16.06 -31.49
N ASP D 102 -5.74 -14.74 -31.51
CA ASP D 102 -4.75 -13.84 -32.09
C ASP D 102 -3.47 -13.83 -31.28
N VAL D 103 -3.57 -13.62 -29.97
CA VAL D 103 -2.39 -13.60 -29.12
C VAL D 103 -1.69 -14.95 -29.17
N LYS D 104 -2.48 -16.03 -29.25
CA LYS D 104 -1.90 -17.36 -29.39
C LYS D 104 -1.03 -17.44 -30.64
N ARG D 105 -1.52 -16.92 -31.76
N ARG D 105 -1.51 -16.90 -31.76
CA ARG D 105 -0.72 -16.95 -32.98
CA ARG D 105 -0.72 -16.96 -32.98
C ARG D 105 0.52 -16.08 -32.86
C ARG D 105 0.51 -16.05 -32.91
N ALA D 106 0.43 -14.95 -32.15
CA ALA D 106 1.61 -14.12 -31.95
C ALA D 106 2.72 -14.90 -31.26
N VAL D 107 2.41 -15.54 -30.15
CA VAL D 107 3.41 -16.31 -29.43
C VAL D 107 3.92 -17.46 -30.28
N ASP D 108 3.02 -18.17 -30.96
CA ASP D 108 3.46 -19.27 -31.80
C ASP D 108 4.30 -18.77 -32.96
N PHE D 109 4.01 -17.57 -33.46
CA PHE D 109 4.80 -16.98 -34.52
C PHE D 109 6.20 -16.63 -34.05
N THR D 110 6.29 -16.01 -32.86
CA THR D 110 7.57 -15.57 -32.32
C THR D 110 8.53 -16.73 -32.12
N VAL D 111 8.07 -17.79 -31.46
CA VAL D 111 8.95 -18.90 -31.19
C VAL D 111 9.35 -19.62 -32.47
N ASP D 112 8.55 -19.48 -33.53
CA ASP D 112 8.96 -20.05 -34.81
C ASP D 112 9.97 -19.17 -35.54
N LYS D 113 9.97 -17.86 -35.28
CA LYS D 113 10.98 -17.00 -35.85
C LYS D 113 12.30 -17.11 -35.11
N PHE D 114 12.28 -16.89 -33.81
CA PHE D 114 13.49 -16.70 -33.03
C PHE D 114 13.80 -17.84 -32.07
N GLY D 115 12.95 -18.86 -31.99
CA GLY D 115 13.27 -20.08 -31.30
C GLY D 115 12.78 -20.19 -29.89
N THR D 116 12.37 -19.10 -29.26
CA THR D 116 11.85 -19.15 -27.90
C THR D 116 11.14 -17.84 -27.60
N LEU D 117 10.69 -17.69 -26.36
CA LEU D 117 10.08 -16.46 -25.89
C LEU D 117 10.57 -16.22 -24.46
N ASP D 118 11.38 -15.19 -24.28
CA ASP D 118 11.95 -14.84 -22.98
C ASP D 118 11.31 -13.63 -22.34
N ILE D 119 10.82 -12.67 -23.12
CA ILE D 119 10.23 -11.46 -22.57
C ILE D 119 8.88 -11.24 -23.22
N MET D 120 7.88 -10.93 -22.40
CA MET D 120 6.55 -10.63 -22.88
C MET D 120 6.13 -9.28 -22.32
N VAL D 121 5.84 -8.32 -23.19
CA VAL D 121 5.47 -6.97 -22.78
C VAL D 121 4.02 -6.74 -23.20
N ASN D 122 3.16 -6.49 -22.22
CA ASN D 122 1.75 -6.19 -22.48
C ASN D 122 1.58 -4.68 -22.45
N ASN D 123 1.71 -4.04 -23.61
CA ASN D 123 1.61 -2.60 -23.68
C ASN D 123 0.28 -2.12 -24.24
N ALA D 124 -0.55 -3.00 -24.77
CA ALA D 124 -1.85 -2.57 -25.27
C ALA D 124 -2.68 -2.01 -24.14
N GLY D 125 -3.15 -0.78 -24.30
CA GLY D 125 -3.91 -0.13 -23.26
C GLY D 125 -4.62 1.07 -23.81
N VAL D 126 -5.78 1.37 -23.21
CA VAL D 126 -6.61 2.50 -23.61
C VAL D 126 -7.18 3.11 -22.34
N SER D 127 -7.65 4.34 -22.44
CA SER D 127 -8.16 5.05 -21.27
C SER D 127 -9.66 5.27 -21.29
N GLY D 128 -10.26 5.53 -22.44
CA GLY D 128 -11.66 5.87 -22.50
C GLY D 128 -11.83 7.37 -22.47
N PRO D 129 -12.99 7.86 -22.89
CA PRO D 129 -13.23 9.30 -22.85
C PRO D 129 -13.33 9.78 -21.42
N PRO D 130 -12.94 11.03 -21.15
CA PRO D 130 -13.19 11.60 -19.82
C PRO D 130 -14.67 11.63 -19.52
N CYS D 131 -15.03 11.31 -18.30
CA CYS D 131 -16.42 11.38 -17.88
C CYS D 131 -16.47 12.00 -16.49
N PRO D 132 -16.91 13.25 -16.38
CA PRO D 132 -16.87 13.91 -15.08
C PRO D 132 -17.99 13.51 -14.13
N ASP D 133 -19.08 12.93 -14.63
CA ASP D 133 -20.21 12.53 -13.80
C ASP D 133 -20.50 11.07 -14.05
N ILE D 134 -20.44 10.27 -12.97
CA ILE D 134 -20.67 8.84 -13.07
C ILE D 134 -22.06 8.54 -13.60
N ARG D 135 -23.01 9.45 -13.42
CA ARG D 135 -24.36 9.22 -13.89
C ARG D 135 -24.46 9.20 -15.40
N ASP D 136 -23.41 9.64 -16.10
CA ASP D 136 -23.38 9.62 -17.54
C ASP D 136 -22.41 8.58 -18.09
N PHE D 137 -21.87 7.72 -17.24
CA PHE D 137 -20.89 6.73 -17.68
C PHE D 137 -21.61 5.53 -18.30
N GLU D 138 -21.39 5.32 -19.59
N GLU D 138 -21.38 5.32 -19.60
CA GLU D 138 -22.01 4.23 -20.31
CA GLU D 138 -22.00 4.23 -20.32
C GLU D 138 -21.28 2.91 -20.06
C GLU D 138 -21.28 2.91 -20.06
N LEU D 139 -22.07 1.84 -19.88
CA LEU D 139 -21.48 0.55 -19.59
C LEU D 139 -20.75 -0.03 -20.80
N SER D 140 -21.18 0.32 -22.01
CA SER D 140 -20.45 -0.09 -23.20
C SER D 140 -19.04 0.47 -23.19
N ALA D 141 -18.89 1.75 -22.86
CA ALA D 141 -17.56 2.31 -22.72
C ALA D 141 -16.78 1.59 -21.63
N PHE D 142 -17.45 1.30 -20.52
CA PHE D 142 -16.84 0.56 -19.43
C PHE D 142 -16.36 -0.81 -19.89
N ASP D 143 -17.22 -1.55 -20.60
CA ASP D 143 -16.88 -2.89 -21.05
C ASP D 143 -15.65 -2.88 -21.95
N ARG D 144 -15.56 -1.91 -22.85
CA ARG D 144 -14.46 -1.88 -23.81
C ARG D 144 -13.11 -1.73 -23.10
N VAL D 145 -13.04 -0.87 -22.10
CA VAL D 145 -11.77 -0.60 -21.43
C VAL D 145 -11.27 -1.83 -20.70
N PHE D 146 -12.16 -2.55 -20.01
CA PHE D 146 -11.74 -3.75 -19.31
C PHE D 146 -11.37 -4.87 -20.26
N ASP D 147 -12.03 -4.92 -21.41
CA ASP D 147 -11.69 -5.93 -22.42
C ASP D 147 -10.25 -5.78 -22.88
N ILE D 148 -9.84 -4.54 -23.14
CA ILE D 148 -8.49 -4.31 -23.66
C ILE D 148 -7.47 -4.32 -22.53
N ASN D 149 -7.76 -3.61 -21.43
CA ASN D 149 -6.75 -3.37 -20.42
C ASN D 149 -6.51 -4.61 -19.55
N VAL D 150 -7.56 -5.34 -19.21
CA VAL D 150 -7.46 -6.46 -18.29
C VAL D 150 -7.47 -7.79 -19.02
N ARG D 151 -8.48 -8.02 -19.84
CA ARG D 151 -8.58 -9.28 -20.57
C ARG D 151 -7.41 -9.45 -21.51
N GLY D 152 -7.00 -8.38 -22.19
CA GLY D 152 -5.85 -8.46 -23.07
C GLY D 152 -4.57 -8.79 -22.32
N VAL D 153 -4.40 -8.25 -21.12
CA VAL D 153 -3.19 -8.52 -20.35
C VAL D 153 -3.20 -9.96 -19.83
N PHE D 154 -4.35 -10.46 -19.39
CA PHE D 154 -4.39 -11.82 -18.89
C PHE D 154 -4.09 -12.83 -19.99
N ILE D 155 -4.66 -12.62 -21.18
CA ILE D 155 -4.39 -13.50 -22.31
C ILE D 155 -2.90 -13.51 -22.62
N GLY D 156 -2.26 -12.35 -22.55
CA GLY D 156 -0.82 -12.31 -22.79
C GLY D 156 -0.05 -13.11 -21.78
N MET D 157 -0.38 -12.96 -20.50
CA MET D 157 0.23 -13.79 -19.47
C MET D 157 -0.03 -15.27 -19.74
N LYS D 158 -1.26 -15.62 -20.10
CA LYS D 158 -1.62 -17.04 -20.23
C LYS D 158 -0.80 -17.73 -21.32
N HIS D 159 -0.59 -17.06 -22.44
CA HIS D 159 0.10 -17.72 -23.54
C HIS D 159 1.61 -17.56 -23.48
N ALA D 160 2.11 -16.49 -22.87
CA ALA D 160 3.52 -16.45 -22.52
C ALA D 160 3.87 -17.57 -21.55
N ALA D 161 2.96 -17.85 -20.62
CA ALA D 161 3.18 -18.93 -19.65
C ALA D 161 3.30 -20.28 -20.34
N ARG D 162 2.60 -20.45 -21.46
CA ARG D 162 2.61 -21.72 -22.19
C ARG D 162 4.00 -22.03 -22.74
N ILE D 163 4.81 -21.01 -22.96
CA ILE D 163 6.18 -21.20 -23.42
C ILE D 163 7.17 -21.18 -22.28
N MET D 164 7.02 -20.23 -21.36
CA MET D 164 8.04 -19.96 -20.37
C MET D 164 8.09 -21.02 -19.27
N ILE D 165 6.98 -21.68 -18.98
CA ILE D 165 6.94 -22.69 -17.92
C ILE D 165 7.83 -23.88 -18.26
N PRO D 166 7.77 -24.48 -19.45
CA PRO D 166 8.70 -25.57 -19.77
C PRO D 166 10.15 -25.13 -19.90
N ALA D 167 10.41 -23.86 -20.19
CA ALA D 167 11.77 -23.38 -20.22
C ALA D 167 12.30 -23.04 -18.84
N LYS D 168 11.40 -22.85 -17.88
N LYS D 168 11.39 -22.84 -17.88
CA LYS D 168 11.73 -22.50 -16.49
CA LYS D 168 11.72 -22.50 -16.50
C LYS D 168 12.40 -21.13 -16.40
C LYS D 168 12.39 -21.13 -16.41
N LYS D 169 12.08 -20.23 -17.32
CA LYS D 169 12.67 -18.90 -17.30
C LYS D 169 11.79 -17.94 -18.07
N GLY D 170 11.78 -16.68 -17.65
CA GLY D 170 11.13 -15.66 -18.43
C GLY D 170 10.78 -14.45 -17.58
N SER D 171 10.29 -13.44 -18.27
CA SER D 171 10.00 -12.14 -17.64
C SER D 171 8.79 -11.55 -18.33
N ILE D 172 7.71 -11.35 -17.57
CA ILE D 172 6.47 -10.78 -18.07
C ILE D 172 6.31 -9.38 -17.50
N ILE D 173 6.13 -8.39 -18.37
CA ILE D 173 6.03 -6.99 -17.97
C ILE D 173 4.77 -6.38 -18.55
N SER D 174 3.95 -5.77 -17.70
CA SER D 174 2.74 -5.07 -18.13
C SER D 174 2.87 -3.58 -17.86
N ILE D 175 2.37 -2.77 -18.78
CA ILE D 175 2.42 -1.32 -18.63
C ILE D 175 1.11 -0.85 -18.01
N SER D 176 1.15 -0.55 -16.73
CA SER D 176 0.07 0.04 -15.96
C SER D 176 0.21 1.54 -16.01
N SER D 177 -0.38 2.26 -15.06
CA SER D 177 -0.11 3.68 -14.88
C SER D 177 -0.29 4.01 -13.42
N VAL D 178 -0.05 5.28 -13.08
CA VAL D 178 -0.22 5.75 -11.72
C VAL D 178 -1.63 5.49 -11.20
N ALA D 179 -2.60 5.35 -12.10
CA ALA D 179 -3.95 5.01 -11.71
C ALA D 179 -4.05 3.61 -11.12
N SER D 180 -2.97 2.82 -11.15
CA SER D 180 -2.99 1.51 -10.52
C SER D 180 -2.93 1.59 -8.99
N THR D 181 -2.48 2.72 -8.44
CA THR D 181 -2.33 2.86 -7.00
C THR D 181 -3.21 3.92 -6.36
N MET D 182 -3.65 4.93 -7.11
CA MET D 182 -4.35 6.07 -6.54
C MET D 182 -5.61 6.36 -7.34
N GLY D 183 -6.68 6.72 -6.63
CA GLY D 183 -7.89 7.16 -7.27
C GLY D 183 -7.87 8.63 -7.64
N GLY D 184 -8.73 9.00 -8.58
CA GLY D 184 -8.85 10.37 -9.02
C GLY D 184 -7.93 10.78 -10.15
N LEU D 185 -7.04 9.91 -10.60
CA LEU D 185 -6.07 10.28 -11.62
C LEU D 185 -6.57 9.97 -13.02
N GLY D 186 -7.82 9.56 -13.17
CA GLY D 186 -8.36 9.20 -14.44
C GLY D 186 -9.78 8.69 -14.32
N PRO D 187 -10.37 8.29 -15.45
CA PRO D 187 -11.75 7.83 -15.44
C PRO D 187 -11.91 6.54 -14.65
N HIS D 188 -13.16 6.23 -14.34
CA HIS D 188 -13.46 5.09 -13.49
C HIS D 188 -13.00 3.77 -14.11
N ALA D 189 -13.41 3.52 -15.35
CA ALA D 189 -13.04 2.26 -15.99
C ALA D 189 -11.54 2.13 -16.11
N TYR D 190 -10.86 3.23 -16.42
CA TYR D 190 -9.41 3.22 -16.51
C TYR D 190 -8.78 2.89 -15.17
N THR D 191 -9.21 3.58 -14.11
CA THR D 191 -8.60 3.36 -12.81
C THR D 191 -8.87 1.95 -12.31
N GLY D 192 -10.08 1.45 -12.51
CA GLY D 192 -10.38 0.09 -12.10
C GLY D 192 -9.53 -0.93 -12.83
N SER D 193 -9.37 -0.76 -14.13
CA SER D 193 -8.60 -1.72 -14.91
C SER D 193 -7.13 -1.70 -14.53
N LYS D 194 -6.58 -0.51 -14.30
CA LYS D 194 -5.18 -0.42 -13.89
C LYS D 194 -4.96 -1.06 -12.53
N HIS D 195 -5.92 -0.93 -11.63
CA HIS D 195 -5.85 -1.68 -10.38
C HIS D 195 -5.91 -3.18 -10.63
N ALA D 196 -6.81 -3.61 -11.52
CA ALA D 196 -6.95 -5.03 -11.81
C ALA D 196 -5.64 -5.60 -12.36
N VAL D 197 -4.92 -4.82 -13.15
CA VAL D 197 -3.67 -5.30 -13.71
C VAL D 197 -2.65 -5.55 -12.62
N LEU D 198 -2.57 -4.65 -11.64
CA LEU D 198 -1.67 -4.88 -10.51
C LEU D 198 -2.06 -6.15 -9.76
N GLY D 199 -3.36 -6.36 -9.54
CA GLY D 199 -3.80 -7.57 -8.87
C GLY D 199 -3.47 -8.83 -9.65
N LEU D 200 -3.67 -8.80 -10.96
CA LEU D 200 -3.26 -9.94 -11.78
C LEU D 200 -1.76 -10.15 -11.70
N THR D 201 -0.99 -9.07 -11.76
CA THR D 201 0.46 -9.18 -11.70
C THR D 201 0.90 -9.91 -10.45
N LYS D 202 0.35 -9.51 -9.30
N LYS D 202 0.35 -9.52 -9.29
CA LYS D 202 0.75 -10.14 -8.04
CA LYS D 202 0.75 -10.14 -8.04
C LYS D 202 0.29 -11.59 -7.98
C LYS D 202 0.29 -11.58 -7.95
N ASN D 203 -0.93 -11.87 -8.43
CA ASN D 203 -1.43 -13.23 -8.34
C ASN D 203 -0.70 -14.16 -9.31
N VAL D 204 -0.46 -13.71 -10.53
CA VAL D 204 0.25 -14.56 -11.49
C VAL D 204 1.71 -14.71 -11.07
N ALA D 205 2.30 -13.67 -10.48
CA ALA D 205 3.62 -13.79 -9.88
C ALA D 205 3.65 -14.89 -8.84
N ALA D 206 2.56 -15.05 -8.08
CA ALA D 206 2.50 -16.11 -7.10
C ALA D 206 2.49 -17.49 -7.75
N GLU D 207 1.75 -17.66 -8.85
CA GLU D 207 1.71 -18.96 -9.49
C GLU D 207 3.00 -19.26 -10.25
N LEU D 208 3.61 -18.28 -10.90
CA LEU D 208 4.73 -18.57 -11.77
C LEU D 208 6.09 -18.46 -11.08
N GLY D 209 6.12 -18.09 -9.80
CA GLY D 209 7.38 -18.07 -9.07
C GLY D 209 7.99 -19.45 -8.94
N LYS D 210 7.16 -20.49 -8.80
N LYS D 210 7.17 -20.49 -8.82
CA LYS D 210 7.61 -21.87 -8.74
CA LYS D 210 7.72 -21.83 -8.68
C LYS D 210 8.52 -22.22 -9.90
C LYS D 210 8.40 -22.33 -9.94
N HIS D 211 8.29 -21.62 -11.06
CA HIS D 211 8.99 -21.99 -12.27
C HIS D 211 10.11 -21.03 -12.65
N GLY D 212 10.39 -20.02 -11.85
CA GLY D 212 11.43 -19.07 -12.16
C GLY D 212 11.02 -17.94 -13.07
N ILE D 213 9.73 -17.67 -13.17
CA ILE D 213 9.19 -16.68 -14.09
C ILE D 213 8.86 -15.43 -13.29
N ARG D 214 9.35 -14.28 -13.76
CA ARG D 214 9.12 -13.02 -13.08
C ARG D 214 7.98 -12.25 -13.75
N VAL D 215 7.08 -11.74 -12.94
CA VAL D 215 5.94 -10.96 -13.39
C VAL D 215 6.01 -9.61 -12.69
N ASN D 216 6.02 -8.54 -13.47
CA ASN D 216 6.07 -7.19 -12.92
C ASN D 216 5.26 -6.27 -13.79
N CYS D 217 5.03 -5.06 -13.29
CA CYS D 217 4.33 -4.05 -14.05
C CYS D 217 4.97 -2.70 -13.83
N VAL D 218 4.83 -1.83 -14.82
CA VAL D 218 5.44 -0.52 -14.83
C VAL D 218 4.33 0.52 -14.91
N SER D 219 4.33 1.46 -13.97
CA SER D 219 3.25 2.44 -13.84
C SER D 219 3.79 3.83 -14.09
N PRO D 220 3.62 4.39 -15.28
CA PRO D 220 4.13 5.74 -15.56
C PRO D 220 3.19 6.84 -15.12
N TYR D 221 3.78 8.01 -14.94
CA TYR D 221 3.07 9.27 -14.83
C TYR D 221 2.62 9.69 -16.21
N ALA D 222 1.75 10.69 -16.27
CA ALA D 222 1.24 11.15 -17.55
C ALA D 222 2.41 11.57 -18.43
N VAL D 223 2.43 11.05 -19.65
CA VAL D 223 3.47 11.36 -20.63
C VAL D 223 2.83 12.11 -21.78
N ALA D 224 3.42 13.26 -22.12
CA ALA D 224 2.99 14.04 -23.28
C ALA D 224 3.49 13.32 -24.53
N THR D 225 2.72 12.31 -24.94
CA THR D 225 3.06 11.48 -26.09
C THR D 225 3.26 12.31 -27.35
N ASP D 240 -0.90 24.36 -30.25
CA ASP D 240 -0.32 24.92 -29.04
C ASP D 240 -0.78 24.15 -27.81
N THR D 241 -1.87 23.40 -27.95
CA THR D 241 -2.44 22.69 -26.81
C THR D 241 -1.47 21.65 -26.25
N TRP D 242 -0.51 21.21 -27.05
CA TRP D 242 0.50 20.29 -26.53
C TRP D 242 1.29 20.94 -25.41
N ASP D 243 1.71 22.19 -25.60
CA ASP D 243 2.42 22.91 -24.55
C ASP D 243 1.57 23.07 -23.31
N ASP D 244 0.26 23.26 -23.48
CA ASP D 244 -0.62 23.51 -22.34
C ASP D 244 -0.79 22.27 -21.48
N PHE D 245 -0.96 21.10 -22.10
CA PHE D 245 -0.96 19.86 -21.34
C PHE D 245 0.44 19.59 -20.79
N ARG D 246 1.48 19.90 -21.56
N ARG D 246 1.47 19.91 -21.56
CA ARG D 246 2.84 19.67 -21.11
CA ARG D 246 2.84 19.68 -21.12
C ARG D 246 3.17 20.50 -19.87
C ARG D 246 3.16 20.50 -19.88
N ARG D 247 2.69 21.75 -19.82
CA ARG D 247 2.91 22.56 -18.64
C ARG D 247 2.09 22.08 -17.46
N PHE D 248 0.88 21.56 -17.71
CA PHE D 248 0.01 21.16 -16.63
C PHE D 248 0.58 19.97 -15.85
N VAL D 249 1.01 18.93 -16.57
CA VAL D 249 1.55 17.76 -15.88
C VAL D 249 2.86 18.10 -15.18
N ALA D 250 3.62 19.07 -15.71
CA ALA D 250 4.89 19.44 -15.10
C ALA D 250 4.68 20.25 -13.83
N ASP D 251 3.67 21.12 -13.82
CA ASP D 251 3.40 21.92 -12.64
C ASP D 251 2.95 21.07 -11.47
N ASN D 252 2.17 20.03 -11.75
CA ASN D 252 1.68 19.14 -10.70
C ASN D 252 2.62 17.98 -10.43
N ALA D 253 3.78 17.94 -11.07
CA ALA D 253 4.75 16.90 -10.83
C ALA D 253 5.48 17.12 -9.52
N ASN D 254 5.80 16.02 -8.84
CA ASN D 254 6.63 16.12 -7.65
C ASN D 254 8.06 16.48 -8.02
N LEU D 255 8.62 15.79 -9.00
CA LEU D 255 9.99 16.00 -9.42
C LEU D 255 10.02 17.03 -10.53
N GLN D 256 10.61 18.19 -10.24
CA GLN D 256 10.68 19.29 -11.19
C GLN D 256 12.06 19.36 -11.82
N GLY D 257 12.14 20.03 -12.97
CA GLY D 257 13.37 20.16 -13.69
C GLY D 257 13.67 19.05 -14.66
N VAL D 258 12.73 18.13 -14.88
CA VAL D 258 12.86 17.09 -15.88
C VAL D 258 11.46 16.65 -16.27
N GLU D 259 11.29 16.29 -17.54
N GLU D 259 11.29 16.28 -17.53
CA GLU D 259 10.01 15.87 -18.08
CA GLU D 259 10.00 15.86 -18.06
C GLU D 259 10.03 14.37 -18.36
C GLU D 259 10.02 14.38 -18.37
N LEU D 260 8.94 13.69 -18.03
CA LEU D 260 8.84 12.26 -18.28
C LEU D 260 8.74 12.02 -19.78
N THR D 261 9.77 11.40 -20.35
CA THR D 261 9.74 11.01 -21.74
C THR D 261 9.39 9.54 -21.87
N MET D 262 9.07 9.14 -23.11
CA MET D 262 8.80 7.74 -23.38
C MET D 262 10.01 6.88 -23.11
N GLU D 263 11.20 7.39 -23.41
CA GLU D 263 12.42 6.62 -23.18
C GLU D 263 12.62 6.32 -21.70
N ASP D 264 12.14 7.19 -20.82
CA ASP D 264 12.24 6.92 -19.39
C ASP D 264 11.47 5.67 -19.02
N VAL D 265 10.24 5.55 -19.52
CA VAL D 265 9.43 4.37 -19.24
C VAL D 265 10.10 3.12 -19.83
N ALA D 266 10.60 3.23 -21.05
CA ALA D 266 11.30 2.11 -21.68
C ALA D 266 12.48 1.64 -20.84
N ASN D 267 13.25 2.57 -20.29
CA ASN D 267 14.37 2.18 -19.46
C ASN D 267 13.93 1.32 -18.29
N ALA D 268 12.77 1.62 -17.71
CA ALA D 268 12.27 0.81 -16.60
C ALA D 268 11.99 -0.61 -17.06
N VAL D 269 11.41 -0.75 -18.24
CA VAL D 269 11.12 -2.09 -18.77
C VAL D 269 12.41 -2.83 -19.03
N VAL D 270 13.38 -2.18 -19.67
CA VAL D 270 14.66 -2.81 -19.95
C VAL D 270 15.26 -3.36 -18.66
N PHE D 271 15.16 -2.58 -17.59
CA PHE D 271 15.65 -3.04 -16.29
C PHE D 271 14.96 -4.34 -15.89
N LEU D 272 13.64 -4.37 -15.91
CA LEU D 272 12.91 -5.55 -15.45
C LEU D 272 13.05 -6.72 -16.42
N ALA D 273 13.47 -6.47 -17.64
CA ALA D 273 13.67 -7.53 -18.60
C ALA D 273 15.02 -8.21 -18.45
N SER D 274 16.00 -7.56 -17.85
CA SER D 274 17.36 -8.06 -17.82
C SER D 274 17.62 -8.88 -16.57
N ASP D 275 18.82 -9.44 -16.49
CA ASP D 275 19.25 -10.19 -15.31
C ASP D 275 19.63 -9.29 -14.14
N GLU D 276 19.56 -7.97 -14.29
CA GLU D 276 19.68 -7.07 -13.16
C GLU D 276 18.41 -6.99 -12.34
N ALA D 277 17.30 -7.51 -12.85
CA ALA D 277 16.07 -7.69 -12.10
C ALA D 277 15.80 -9.17 -11.86
N ARG D 278 16.85 -9.98 -11.85
N ARG D 278 16.84 -9.98 -11.86
CA ARG D 278 16.74 -11.42 -11.77
CA ARG D 278 16.73 -11.42 -11.78
C ARG D 278 15.91 -11.89 -10.58
C ARG D 278 15.91 -11.89 -10.58
N TYR D 279 15.90 -11.12 -9.49
CA TYR D 279 15.12 -11.47 -8.32
C TYR D 279 14.03 -10.44 -8.04
N VAL D 280 13.56 -9.75 -9.06
CA VAL D 280 12.48 -8.80 -8.91
C VAL D 280 11.21 -9.43 -9.47
N SER D 281 10.17 -9.50 -8.66
CA SER D 281 8.89 -9.99 -9.12
C SER D 281 7.79 -9.45 -8.22
N GLY D 282 6.59 -9.36 -8.78
CA GLY D 282 5.47 -8.81 -8.05
C GLY D 282 5.57 -7.34 -7.78
N MET D 283 6.38 -6.61 -8.55
CA MET D 283 6.68 -5.22 -8.27
C MET D 283 5.91 -4.31 -9.22
N ASN D 284 5.40 -3.22 -8.67
CA ASN D 284 4.79 -2.15 -9.45
C ASN D 284 5.80 -1.00 -9.48
N LEU D 285 6.64 -1.01 -10.50
CA LEU D 285 7.72 -0.03 -10.59
C LEU D 285 7.14 1.29 -11.05
N MET D 286 6.99 2.23 -10.13
CA MET D 286 6.46 3.54 -10.45
C MET D 286 7.51 4.39 -11.15
N VAL D 287 7.13 5.01 -12.25
CA VAL D 287 7.99 5.97 -12.94
C VAL D 287 7.33 7.33 -12.85
N ASP D 288 6.72 7.61 -11.71
CA ASP D 288 5.94 8.82 -11.51
C ASP D 288 6.71 9.94 -10.83
N GLY D 289 8.02 9.79 -10.65
CA GLY D 289 8.81 10.83 -10.01
C GLY D 289 8.37 11.15 -8.61
N GLY D 290 7.74 10.20 -7.92
CA GLY D 290 7.22 10.43 -6.60
C GLY D 290 5.83 11.00 -6.55
N PHE D 291 5.09 10.99 -7.66
CA PHE D 291 3.79 11.63 -7.68
C PHE D 291 2.80 10.92 -6.77
N THR D 292 2.81 9.59 -6.74
CA THR D 292 1.83 8.85 -5.97
C THR D 292 2.20 8.69 -4.50
N SER D 293 3.50 8.71 -4.19
CA SER D 293 3.92 8.57 -2.81
C SER D 293 3.81 9.87 -2.02
N THR D 294 3.45 10.97 -2.66
CA THR D 294 3.35 12.26 -1.98
C THR D 294 2.02 12.92 -2.29
N ASN D 295 1.74 14.00 -1.56
CA ASN D 295 0.54 14.80 -1.78
C ASN D 295 0.85 16.22 -1.30
N HIS D 296 0.89 17.17 -2.23
CA HIS D 296 1.24 18.55 -1.92
C HIS D 296 0.00 19.42 -1.74
N ALA D 297 -1.11 18.85 -1.30
CA ALA D 297 -2.34 19.62 -1.18
C ALA D 297 -2.30 20.56 0.02
N LEU D 298 -1.54 20.23 1.06
CA LEU D 298 -1.45 21.07 2.24
C LEU D 298 -0.32 22.11 2.15
N GLN D 299 0.44 22.09 1.05
CA GLN D 299 1.48 23.10 0.81
C GLN D 299 2.52 23.13 1.92
N VAL D 300 2.89 21.95 2.42
CA VAL D 300 3.97 21.86 3.38
C VAL D 300 5.30 22.20 2.71
N PHE D 301 5.53 21.65 1.52
CA PHE D 301 6.78 21.83 0.81
C PHE D 301 6.63 22.57 -0.52
N ARG D 302 5.47 22.52 -1.14
CA ARG D 302 5.31 23.36 -2.32
C ARG D 302 4.49 24.58 -1.98
N PRO D 303 4.74 25.73 -2.60
CA PRO D 303 3.91 26.91 -2.35
C PRO D 303 2.53 26.78 -3.01
#